data_9BCZ
#
_entry.id   9BCZ
#
_cell.length_a   122.182
_cell.length_b   85.539
_cell.length_c   98.433
_cell.angle_alpha   90.00
_cell.angle_beta   112.04
_cell.angle_gamma   90.00
#
_symmetry.space_group_name_H-M   'C 1 2 1'
#
loop_
_entity.id
_entity.type
_entity.pdbx_description
1 polymer '1-phosphatidylinositol 4,5-bisphosphate phosphodiesterase zeta-1'
2 non-polymer DI(HYDROXYETHYL)ETHER
3 non-polymer '4-(2-HYDROXYETHYL)-1-PIPERAZINE ETHANESULFONIC ACID'
4 non-polymer 'CALCIUM ION'
5 non-polymer 'SODIUM ION'
6 non-polymer 'CHLORIDE ION'
7 non-polymer 'UNKNOWN ATOM OR ION'
8 water water
#
_entity_poly.entity_id   1
_entity_poly.type   'polypeptide(L)'
_entity_poly.pdbx_seq_one_letter_code
;MEENRWFLNIIQDGFMNGKIDFDSTVKLLEKLHMPFNLAHVKHVFKKTVDKRKIHTINIEDFRAIYRAIVHRNEFHEIFC
AYSENRKNLADTELTAFLKKEQFKTEGAETTALEVILKYEPIDEVRKRRQLSFEGFIRYMSSEDCTIFKKEHRTVYQDMN
HPLCDYFISSSHNTYLVSDQLIGPSDLNGYISALLKGCRCLEIDCWDGSNNDPVVYHGHTLTSKITFCSVIHVVDKYAFA
ASDYPVVLSLENHCSTKQQERIAQYLLNILGDKLLTSPIGDIEVTQLPSPEALKFKILVKNKKCGTIEETMLRKGRDSHG
ETGEV(SEP)EEEI(TPO)SSDEETDEKTPLYPKSGSSKRKSEGRSSPPPRKKAKVKKMKIAMGLSDLVIYTKSEKFVSF
EHSLAHQKCYENNSIGELKAQKFVKHAANQFVSHTSRFITRIYPKGTRAGSSNYNPQEFWNVGCQMVALNFQTSGTPMEL
QNGKFLDNGGCGYILKPEFLRNRNSTFNPHNVGRYSNPLSLSIRLISGHQLPPSNLSKSNKADPLVQLEIYGVPEDQAKR
KSSVIKSNALSPRWDETFSFTVQVPELALIRFCVQDEISLVANDFLGQYTLPLLSLSKGYCTVPLFSKSGGKLEPASLFV
YVWYYAENLYFQ
;
_entity_poly.pdbx_strand_id   A
#
loop_
_chem_comp.id
_chem_comp.type
_chem_comp.name
_chem_comp.formula
CA non-polymer 'CALCIUM ION' 'Ca 2'
CL non-polymer 'CHLORIDE ION' 'Cl -1'
EPE non-polymer '4-(2-HYDROXYETHYL)-1-PIPERAZINE ETHANESULFONIC ACID' 'C8 H18 N2 O4 S'
NA non-polymer 'SODIUM ION' 'Na 1'
PEG non-polymer DI(HYDROXYETHYL)ETHER 'C4 H10 O3'
UNX non-polymer 'UNKNOWN ATOM OR ION' ?
#
# COMPACT_ATOMS: atom_id res chain seq x y z
N MET A 1 -31.65 -13.39 26.78
CA MET A 1 -33.10 -13.44 26.45
C MET A 1 -33.39 -12.44 25.34
N GLU A 2 -32.99 -11.18 25.56
CA GLU A 2 -33.00 -10.17 24.51
C GLU A 2 -32.12 -10.59 23.35
N GLU A 3 -30.91 -11.11 23.66
CA GLU A 3 -29.94 -11.44 22.63
C GLU A 3 -30.51 -12.60 21.82
N ASN A 4 -31.13 -13.52 22.55
CA ASN A 4 -31.64 -14.73 21.93
C ASN A 4 -32.83 -14.42 21.03
N ARG A 5 -33.69 -13.50 21.45
CA ARG A 5 -34.82 -13.13 20.61
C ARG A 5 -34.36 -12.44 19.35
N TRP A 6 -33.35 -11.56 19.48
CA TRP A 6 -32.74 -10.89 18.34
C TRP A 6 -32.22 -11.93 17.34
N PHE A 7 -31.51 -12.95 17.87
CA PHE A 7 -30.83 -13.96 17.07
C PHE A 7 -31.86 -14.82 16.32
N LEU A 8 -32.83 -15.39 17.05
CA LEU A 8 -33.93 -16.18 16.47
C LEU A 8 -34.65 -15.38 15.40
N ASN A 9 -34.95 -14.14 15.71
CA ASN A 9 -35.55 -13.27 14.74
C ASN A 9 -34.82 -13.26 13.39
N ILE A 10 -33.48 -13.26 13.39
CA ILE A 10 -32.73 -13.12 12.15
C ILE A 10 -32.73 -14.44 11.37
N ILE A 11 -32.60 -15.57 12.06
CA ILE A 11 -32.23 -16.81 11.40
C ILE A 11 -33.39 -17.78 11.20
N GLN A 12 -34.52 -17.57 11.87
CA GLN A 12 -35.48 -18.67 11.98
C GLN A 12 -36.13 -19.00 10.63
N ASP A 13 -36.34 -17.98 9.80
CA ASP A 13 -36.63 -18.10 8.38
C ASP A 13 -35.90 -19.34 7.82
N GLY A 14 -34.62 -19.52 8.19
CA GLY A 14 -33.78 -20.55 7.57
C GLY A 14 -34.21 -21.98 7.88
N PHE A 15 -34.90 -22.18 9.00
CA PHE A 15 -35.25 -23.49 9.52
C PHE A 15 -36.68 -23.91 9.16
N MET A 16 -37.36 -23.15 8.28
CA MET A 16 -38.74 -23.40 7.87
C MET A 16 -38.96 -24.81 7.30
N ASN A 17 -37.91 -25.47 6.80
CA ASN A 17 -38.07 -26.85 6.35
C ASN A 17 -37.38 -27.81 7.30
N GLY A 18 -37.37 -27.48 8.60
CA GLY A 18 -36.57 -28.20 9.59
C GLY A 18 -35.06 -28.02 9.38
N LYS A 19 -34.31 -29.02 9.86
CA LYS A 19 -32.87 -28.95 10.06
C LYS A 19 -32.15 -28.78 8.73
N ILE A 20 -30.98 -28.12 8.73
CA ILE A 20 -30.37 -27.67 7.49
C ILE A 20 -29.01 -28.35 7.33
N ASP A 21 -28.58 -28.45 6.07
CA ASP A 21 -27.29 -29.04 5.78
C ASP A 21 -26.22 -27.94 5.87
N PHE A 22 -25.05 -28.19 5.26
CA PHE A 22 -23.90 -27.31 5.34
C PHE A 22 -24.06 -26.11 4.41
N ASP A 23 -24.50 -26.32 3.15
CA ASP A 23 -24.62 -25.23 2.21
C ASP A 23 -25.63 -24.19 2.72
N SER A 24 -26.67 -24.67 3.41
CA SER A 24 -27.70 -23.80 3.93
C SER A 24 -27.22 -23.06 5.18
N THR A 25 -26.40 -23.74 6.01
CA THR A 25 -25.77 -23.13 7.19
C THR A 25 -24.92 -21.91 6.80
N VAL A 26 -24.13 -22.08 5.74
CA VAL A 26 -23.30 -21.03 5.17
C VAL A 26 -24.16 -19.85 4.70
N LYS A 27 -25.18 -20.11 3.85
CA LYS A 27 -26.10 -19.07 3.37
C LYS A 27 -26.73 -18.36 4.57
N LEU A 28 -27.12 -19.11 5.61
CA LEU A 28 -27.72 -18.51 6.79
C LEU A 28 -26.73 -17.64 7.59
N LEU A 29 -25.46 -18.07 7.74
CA LEU A 29 -24.52 -17.29 8.54
C LEU A 29 -24.32 -15.92 7.91
N GLU A 30 -24.39 -15.84 6.58
CA GLU A 30 -24.23 -14.57 5.87
C GLU A 30 -25.29 -13.55 6.25
N LYS A 31 -26.48 -14.02 6.65
CA LYS A 31 -27.52 -13.12 7.13
C LYS A 31 -27.09 -12.38 8.39
N LEU A 32 -26.00 -12.80 9.05
CA LEU A 32 -25.55 -12.09 10.24
C LEU A 32 -24.43 -11.10 9.91
N HIS A 33 -24.00 -11.06 8.65
CA HIS A 33 -23.11 -10.04 8.11
C HIS A 33 -21.73 -9.97 8.78
N MET A 34 -21.29 -11.02 9.50
CA MET A 34 -19.94 -11.14 10.02
C MET A 34 -19.16 -12.05 9.06
N PRO A 35 -17.92 -11.73 8.65
CA PRO A 35 -17.24 -12.51 7.63
C PRO A 35 -16.72 -13.77 8.30
N PHE A 36 -16.67 -14.87 7.55
CA PHE A 36 -16.20 -16.12 8.10
C PHE A 36 -15.41 -16.87 7.06
N ASN A 37 -14.54 -17.75 7.54
CA ASN A 37 -13.74 -18.63 6.72
C ASN A 37 -14.48 -19.96 6.57
N LEU A 38 -14.72 -20.44 5.33
CA LEU A 38 -15.47 -21.67 5.10
C LEU A 38 -14.84 -22.88 5.78
N ALA A 39 -13.52 -22.97 5.75
CA ALA A 39 -12.91 -24.14 6.33
C ALA A 39 -13.22 -24.23 7.82
N HIS A 40 -13.21 -23.08 8.49
CA HIS A 40 -13.48 -23.06 9.94
C HIS A 40 -14.93 -23.48 10.20
N VAL A 41 -15.87 -22.89 9.44
CA VAL A 41 -17.28 -23.21 9.61
C VAL A 41 -17.49 -24.70 9.30
N LYS A 42 -16.86 -25.21 8.24
CA LYS A 42 -17.01 -26.61 7.85
C LYS A 42 -16.58 -27.51 9.00
N HIS A 43 -15.51 -27.11 9.68
CA HIS A 43 -14.96 -27.94 10.74
C HIS A 43 -15.93 -27.97 11.91
N VAL A 44 -16.41 -26.81 12.32
CA VAL A 44 -17.24 -26.79 13.53
C VAL A 44 -18.56 -27.50 13.20
N PHE A 45 -19.01 -27.42 11.96
CA PHE A 45 -20.20 -28.14 11.52
C PHE A 45 -19.98 -29.65 11.56
N LYS A 46 -18.87 -30.16 10.99
CA LYS A 46 -18.53 -31.58 11.07
C LYS A 46 -18.44 -32.07 12.51
N LYS A 47 -17.78 -31.34 13.41
CA LYS A 47 -17.74 -31.75 14.80
C LYS A 47 -19.14 -31.78 15.41
N THR A 48 -20.07 -30.96 14.90
CA THR A 48 -21.42 -30.96 15.45
C THR A 48 -22.20 -32.21 15.03
N VAL A 49 -22.00 -32.73 13.81
CA VAL A 49 -22.83 -33.80 13.29
C VAL A 49 -22.05 -35.12 13.18
N ASP A 50 -20.86 -35.23 13.82
CA ASP A 50 -19.91 -36.32 13.59
C ASP A 50 -20.57 -37.67 13.90
N LYS A 51 -21.09 -37.85 15.12
CA LYS A 51 -21.75 -39.10 15.48
C LYS A 51 -23.26 -38.97 15.38
N ARG A 52 -23.79 -38.96 14.14
CA ARG A 52 -25.22 -38.85 13.88
C ARG A 52 -25.57 -39.41 12.49
N LYS A 53 -26.78 -39.96 12.36
CA LYS A 53 -27.24 -40.55 11.11
C LYS A 53 -27.39 -39.49 10.03
N ILE A 54 -28.24 -38.48 10.28
CA ILE A 54 -28.39 -37.34 9.37
C ILE A 54 -27.32 -36.30 9.73
N HIS A 55 -26.71 -35.72 8.68
CA HIS A 55 -25.70 -34.67 8.82
C HIS A 55 -26.38 -33.33 8.59
N THR A 56 -27.35 -33.04 9.46
CA THR A 56 -28.07 -31.77 9.44
C THR A 56 -28.09 -31.22 10.85
N ILE A 57 -28.27 -29.90 10.96
CA ILE A 57 -28.23 -29.25 12.26
C ILE A 57 -29.58 -28.59 12.56
N ASN A 58 -29.88 -28.52 13.86
CA ASN A 58 -31.01 -27.76 14.37
C ASN A 58 -30.55 -26.41 14.90
N ILE A 59 -31.50 -25.65 15.46
CA ILE A 59 -31.31 -24.24 15.77
C ILE A 59 -30.28 -24.09 16.89
N GLU A 60 -30.28 -25.01 17.84
CA GLU A 60 -29.33 -24.94 18.94
C GLU A 60 -27.92 -25.23 18.45
N ASP A 61 -27.78 -26.20 17.54
CA ASP A 61 -26.51 -26.47 16.88
C ASP A 61 -25.96 -25.20 16.23
N PHE A 62 -26.83 -24.49 15.52
CA PHE A 62 -26.42 -23.36 14.71
C PHE A 62 -25.92 -22.21 15.59
N ARG A 63 -26.59 -22.05 16.73
CA ARG A 63 -26.19 -21.07 17.72
C ARG A 63 -24.80 -21.39 18.24
N ALA A 64 -24.55 -22.66 18.56
CA ALA A 64 -23.23 -23.04 19.06
C ALA A 64 -22.17 -22.80 17.97
N ILE A 65 -22.48 -23.09 16.71
CA ILE A 65 -21.56 -22.82 15.62
C ILE A 65 -21.24 -21.33 15.52
N TYR A 66 -22.29 -20.51 15.52
CA TYR A 66 -22.12 -19.07 15.49
C TYR A 66 -21.22 -18.64 16.66
N ARG A 67 -21.51 -19.11 17.88
CA ARG A 67 -20.74 -18.66 19.02
C ARG A 67 -19.27 -19.04 18.86
N ALA A 68 -18.98 -20.26 18.34
CA ALA A 68 -17.62 -20.75 18.21
C ALA A 68 -16.82 -19.96 17.17
N ILE A 69 -17.46 -19.46 16.13
CA ILE A 69 -16.77 -18.81 15.03
C ILE A 69 -16.63 -17.32 15.31
N VAL A 70 -17.65 -16.72 15.95
CA VAL A 70 -17.83 -15.28 15.97
C VAL A 70 -17.45 -14.70 17.34
N HIS A 71 -17.77 -15.44 18.41
CA HIS A 71 -17.52 -14.93 19.75
C HIS A 71 -16.03 -15.10 20.00
N ARG A 72 -15.42 -14.16 20.73
CA ARG A 72 -14.01 -14.26 20.99
C ARG A 72 -13.82 -14.00 22.48
N ASN A 73 -13.05 -14.88 23.12
CA ASN A 73 -12.83 -14.80 24.55
C ASN A 73 -12.10 -13.52 24.88
N GLU A 74 -11.15 -13.13 24.03
CA GLU A 74 -10.34 -11.96 24.36
C GLU A 74 -11.23 -10.71 24.37
N PHE A 75 -12.29 -10.67 23.56
CA PHE A 75 -13.21 -9.55 23.55
C PHE A 75 -14.18 -9.64 24.74
N HIS A 76 -14.48 -10.86 25.19
CA HIS A 76 -15.38 -11.10 26.33
C HIS A 76 -14.76 -10.63 27.63
N GLU A 77 -13.50 -11.01 27.86
CA GLU A 77 -12.72 -10.52 28.96
C GLU A 77 -12.79 -9.01 29.05
N ILE A 78 -12.56 -8.30 27.94
CA ILE A 78 -12.53 -6.86 27.99
C ILE A 78 -13.92 -6.34 28.32
N PHE A 79 -14.93 -6.87 27.61
CA PHE A 79 -16.31 -6.42 27.76
C PHE A 79 -16.79 -6.59 29.20
N CYS A 80 -16.54 -7.75 29.81
CA CYS A 80 -16.97 -8.02 31.17
C CYS A 80 -16.23 -7.13 32.16
N ALA A 81 -15.00 -6.70 31.85
CA ALA A 81 -14.28 -5.78 32.70
C ALA A 81 -14.95 -4.41 32.77
N TYR A 82 -15.59 -3.95 31.68
CA TYR A 82 -16.13 -2.59 31.64
C TYR A 82 -17.64 -2.61 31.97
N SER A 83 -18.23 -3.81 31.92
CA SER A 83 -19.65 -3.99 32.15
CA SER A 83 -19.65 -4.04 32.13
C SER A 83 -19.90 -4.47 33.58
N GLU A 84 -18.83 -4.93 34.27
CA GLU A 84 -18.90 -5.40 35.65
C GLU A 84 -19.59 -6.76 35.67
N ASN A 85 -19.57 -7.43 34.51
CA ASN A 85 -20.25 -8.70 34.25
C ASN A 85 -21.74 -8.51 34.00
N ARG A 86 -22.23 -7.30 33.80
CA ARG A 86 -23.59 -7.17 33.31
C ARG A 86 -23.60 -7.65 31.86
N LYS A 87 -24.80 -7.66 31.30
CA LYS A 87 -25.09 -8.11 29.96
C LYS A 87 -24.74 -7.04 28.93
N ASN A 88 -24.82 -5.76 29.32
CA ASN A 88 -24.65 -4.66 28.37
C ASN A 88 -23.68 -3.63 28.95
N LEU A 89 -23.10 -2.82 28.05
CA LEU A 89 -22.32 -1.66 28.47
C LEU A 89 -23.26 -0.46 28.49
N ALA A 90 -23.24 0.28 29.60
CA ALA A 90 -23.82 1.62 29.64
C ALA A 90 -22.98 2.55 28.76
N ASP A 91 -23.60 3.63 28.25
CA ASP A 91 -22.92 4.57 27.38
C ASP A 91 -21.72 5.23 28.08
N THR A 92 -21.75 5.33 29.41
CA THR A 92 -20.64 5.89 30.17
C THR A 92 -19.53 4.86 30.30
N GLU A 93 -19.89 3.56 30.34
CA GLU A 93 -18.92 2.47 30.43
C GLU A 93 -18.16 2.30 29.10
N LEU A 94 -18.87 2.46 27.97
CA LEU A 94 -18.29 2.45 26.64
C LEU A 94 -17.37 3.65 26.44
N THR A 95 -17.81 4.82 26.90
CA THR A 95 -16.99 6.03 26.87
C THR A 95 -15.66 5.76 27.58
N ALA A 96 -15.75 5.22 28.78
CA ALA A 96 -14.55 4.88 29.52
C ALA A 96 -13.63 4.01 28.65
N PHE A 97 -14.19 2.99 27.98
CA PHE A 97 -13.38 2.05 27.24
C PHE A 97 -12.68 2.76 26.07
N LEU A 98 -13.45 3.58 25.35
CA LEU A 98 -12.89 4.27 24.19
C LEU A 98 -11.72 5.19 24.56
N LYS A 99 -11.85 5.90 25.68
CA LYS A 99 -10.83 6.88 26.07
C LYS A 99 -9.61 6.18 26.65
N LYS A 100 -9.82 5.23 27.58
CA LYS A 100 -8.75 4.66 28.36
C LYS A 100 -8.03 3.55 27.58
N GLU A 101 -8.73 2.83 26.70
CA GLU A 101 -8.15 1.64 26.09
C GLU A 101 -7.87 1.81 24.60
N GLN A 102 -8.50 2.79 23.95
CA GLN A 102 -8.20 3.14 22.56
C GLN A 102 -7.78 4.59 22.42
N PHE A 103 -7.59 5.29 23.53
CA PHE A 103 -7.12 6.67 23.50
C PHE A 103 -7.88 7.51 22.47
N LYS A 104 -9.18 7.24 22.25
CA LYS A 104 -10.08 8.02 21.40
C LYS A 104 -10.64 9.19 22.22
N THR A 105 -9.78 10.15 22.55
CA THR A 105 -10.12 11.27 23.40
C THR A 105 -10.59 12.43 22.54
N GLU A 106 -11.26 13.39 23.19
CA GLU A 106 -11.86 14.53 22.51
C GLU A 106 -13.04 14.02 21.68
N GLY A 107 -14.23 14.10 22.30
CA GLY A 107 -15.47 13.64 21.71
C GLY A 107 -15.74 12.16 21.99
N ALA A 108 -15.51 11.73 23.24
CA ALA A 108 -15.65 10.32 23.62
C ALA A 108 -17.09 9.99 24.03
N GLU A 109 -17.71 10.87 24.83
CA GLU A 109 -19.15 10.84 25.06
C GLU A 109 -19.86 10.83 23.71
N THR A 110 -19.34 11.64 22.77
CA THR A 110 -19.82 11.72 21.40
C THR A 110 -19.60 10.40 20.66
N THR A 111 -18.36 9.87 20.69
CA THR A 111 -18.03 8.71 19.86
C THR A 111 -18.79 7.48 20.40
N ALA A 112 -19.00 7.39 21.71
CA ALA A 112 -19.79 6.31 22.31
C ALA A 112 -21.17 6.24 21.66
N LEU A 113 -21.89 7.36 21.64
CA LEU A 113 -23.20 7.40 21.02
C LEU A 113 -23.06 6.90 19.61
N GLU A 114 -22.05 7.40 18.89
CA GLU A 114 -21.90 7.06 17.48
C GLU A 114 -21.61 5.57 17.28
N VAL A 115 -20.81 4.96 18.18
CA VAL A 115 -20.50 3.53 18.11
C VAL A 115 -21.80 2.70 18.23
N ILE A 116 -22.65 3.06 19.19
CA ILE A 116 -23.91 2.37 19.42
C ILE A 116 -24.81 2.49 18.19
N LEU A 117 -25.01 3.72 17.70
CA LEU A 117 -25.85 3.97 16.52
C LEU A 117 -25.32 3.24 15.28
N LYS A 118 -24.00 3.13 15.18
CA LYS A 118 -23.39 2.52 14.01
C LYS A 118 -23.33 0.99 14.13
N TYR A 119 -23.20 0.41 15.33
CA TYR A 119 -22.83 -1.01 15.36
C TYR A 119 -23.78 -1.90 16.17
N GLU A 120 -24.60 -1.33 17.06
CA GLU A 120 -25.41 -2.15 17.92
C GLU A 120 -26.53 -2.79 17.07
N PRO A 121 -26.63 -4.13 16.97
CA PRO A 121 -27.69 -4.73 16.17
C PRO A 121 -29.02 -4.99 16.89
N ILE A 122 -29.01 -5.08 18.23
CA ILE A 122 -30.22 -5.37 18.99
C ILE A 122 -30.97 -4.05 19.22
N ASP A 123 -32.13 -3.90 18.55
CA ASP A 123 -32.88 -2.65 18.48
C ASP A 123 -33.25 -2.18 19.89
N GLU A 124 -33.64 -3.12 20.74
CA GLU A 124 -33.96 -2.81 22.11
C GLU A 124 -32.78 -2.06 22.75
N VAL A 125 -31.60 -2.67 22.70
CA VAL A 125 -30.40 -2.21 23.38
C VAL A 125 -29.99 -0.84 22.81
N ARG A 126 -30.03 -0.71 21.47
CA ARG A 126 -29.66 0.50 20.77
C ARG A 126 -30.50 1.70 21.23
N LYS A 127 -31.77 1.45 21.58
CA LYS A 127 -32.68 2.52 21.99
C LYS A 127 -32.39 2.93 23.42
N ARG A 128 -31.98 1.99 24.27
CA ARG A 128 -31.53 2.39 25.60
C ARG A 128 -30.14 3.06 25.60
N ARG A 129 -29.53 3.36 24.45
CA ARG A 129 -28.18 3.90 24.40
C ARG A 129 -27.21 2.98 25.16
N GLN A 130 -27.26 1.69 24.81
CA GLN A 130 -26.33 0.73 25.37
C GLN A 130 -25.73 -0.08 24.22
N LEU A 131 -24.72 -0.90 24.57
CA LEU A 131 -24.03 -1.77 23.64
C LEU A 131 -24.02 -3.18 24.20
N SER A 132 -24.55 -4.14 23.41
CA SER A 132 -24.47 -5.56 23.74
C SER A 132 -23.10 -6.12 23.35
N PHE A 133 -22.85 -7.36 23.76
CA PHE A 133 -21.66 -8.06 23.34
C PHE A 133 -21.65 -8.25 21.83
N GLU A 134 -22.83 -8.51 21.26
CA GLU A 134 -22.96 -8.57 19.82
C GLU A 134 -22.52 -7.26 19.17
N GLY A 135 -22.89 -6.13 19.76
CA GLY A 135 -22.49 -4.84 19.20
C GLY A 135 -20.99 -4.57 19.39
N PHE A 136 -20.44 -5.02 20.51
CA PHE A 136 -19.03 -4.82 20.83
C PHE A 136 -18.16 -5.61 19.84
N ILE A 137 -18.54 -6.86 19.56
CA ILE A 137 -17.82 -7.68 18.59
CA ILE A 137 -17.73 -7.63 18.63
C ILE A 137 -17.81 -6.97 17.24
N ARG A 138 -18.93 -6.37 16.89
CA ARG A 138 -19.01 -5.76 15.57
C ARG A 138 -18.12 -4.53 15.52
N TYR A 139 -18.10 -3.76 16.60
CA TYR A 139 -17.31 -2.53 16.63
C TYR A 139 -15.82 -2.89 16.56
N MET A 140 -15.41 -3.85 17.39
CA MET A 140 -14.00 -4.23 17.51
C MET A 140 -13.48 -4.91 16.24
N SER A 141 -14.38 -5.43 15.41
CA SER A 141 -14.03 -6.07 14.14
C SER A 141 -14.14 -5.11 12.98
N SER A 142 -14.47 -3.84 13.21
CA SER A 142 -14.75 -2.91 12.13
C SER A 142 -13.48 -2.18 11.71
N GLU A 143 -13.61 -1.38 10.65
CA GLU A 143 -12.57 -0.47 10.18
C GLU A 143 -12.32 0.66 11.18
N ASP A 144 -13.19 0.86 12.17
CA ASP A 144 -12.89 1.89 13.16
C ASP A 144 -11.77 1.48 14.12
N CYS A 145 -11.35 0.20 14.15
CA CYS A 145 -10.49 -0.33 15.21
CA CYS A 145 -10.49 -0.33 15.21
C CYS A 145 -9.30 -1.09 14.64
N THR A 146 -9.00 -0.87 13.36
CA THR A 146 -7.85 -1.44 12.70
C THR A 146 -6.61 -0.63 13.09
N ILE A 147 -5.43 -1.20 12.84
CA ILE A 147 -4.19 -0.67 13.38
C ILE A 147 -3.74 0.58 12.62
N PHE A 148 -4.23 0.81 11.40
CA PHE A 148 -3.81 1.97 10.63
C PHE A 148 -4.58 3.20 11.13
N LYS A 149 -3.90 4.25 11.57
CA LYS A 149 -4.55 5.45 12.10
C LYS A 149 -5.57 6.08 11.14
N LYS A 150 -6.77 6.32 11.67
CA LYS A 150 -7.86 6.90 10.89
C LYS A 150 -7.46 8.26 10.31
N GLU A 151 -6.69 9.05 11.04
CA GLU A 151 -6.26 10.38 10.59
C GLU A 151 -5.35 10.27 9.37
N HIS A 152 -4.67 9.12 9.14
CA HIS A 152 -3.79 9.00 7.99
C HIS A 152 -4.51 8.49 6.75
N ARG A 153 -5.82 8.23 6.83
CA ARG A 153 -6.57 7.71 5.69
C ARG A 153 -7.07 8.85 4.82
N THR A 154 -6.71 10.09 5.14
CA THR A 154 -6.98 11.21 4.25
C THR A 154 -5.66 11.91 3.91
N VAL A 155 -5.68 12.84 2.95
CA VAL A 155 -4.50 13.61 2.58
C VAL A 155 -4.27 14.66 3.67
N TYR A 156 -3.31 14.43 4.55
CA TYR A 156 -3.11 15.29 5.71
C TYR A 156 -1.76 15.96 5.64
N GLN A 157 -0.84 15.54 4.76
CA GLN A 157 0.49 16.10 4.75
C GLN A 157 0.50 17.39 3.95
N ASP A 158 1.54 18.20 4.15
CA ASP A 158 1.70 19.43 3.39
C ASP A 158 2.10 19.14 1.93
N MET A 159 1.19 19.43 1.01
CA MET A 159 1.36 19.13 -0.41
C MET A 159 1.85 20.36 -1.20
N ASN A 160 2.46 21.35 -0.53
CA ASN A 160 2.81 22.60 -1.19
C ASN A 160 4.31 22.79 -1.34
N HIS A 161 5.09 21.72 -1.14
CA HIS A 161 6.51 21.77 -1.40
C HIS A 161 6.81 21.37 -2.86
N PRO A 162 8.01 21.70 -3.37
CA PRO A 162 8.41 21.28 -4.71
C PRO A 162 8.32 19.75 -4.85
N LEU A 163 8.09 19.29 -6.08
CA LEU A 163 7.85 17.87 -6.39
CA LEU A 163 7.83 17.88 -6.36
C LEU A 163 8.99 16.98 -5.90
N CYS A 164 10.22 17.49 -5.94
CA CYS A 164 11.37 16.70 -5.56
C CYS A 164 11.34 16.34 -4.09
N ASP A 165 10.46 16.98 -3.31
CA ASP A 165 10.44 16.75 -1.87
C ASP A 165 9.55 15.59 -1.43
N TYR A 166 9.00 14.81 -2.38
CA TYR A 166 8.07 13.72 -2.09
C TYR A 166 8.62 12.38 -2.56
N PHE A 167 8.35 11.32 -1.78
CA PHE A 167 8.29 9.97 -2.31
C PHE A 167 7.06 9.85 -3.21
N ILE A 168 7.25 9.24 -4.39
CA ILE A 168 6.23 9.17 -5.41
C ILE A 168 6.02 7.71 -5.80
N SER A 169 4.77 7.23 -5.68
CA SER A 169 4.46 5.85 -6.03
C SER A 169 4.77 5.58 -7.51
N SER A 170 5.61 4.56 -7.79
CA SER A 170 6.26 4.39 -9.09
CA SER A 170 6.23 4.40 -9.10
C SER A 170 6.31 2.92 -9.50
N SER A 171 5.84 2.65 -10.74
N SER A 171 5.83 2.64 -10.73
CA SER A 171 5.76 1.33 -11.37
CA SER A 171 5.85 1.30 -11.30
C SER A 171 6.78 1.20 -12.52
C SER A 171 6.84 1.22 -12.47
N HIS A 172 7.45 0.02 -12.59
CA HIS A 172 8.32 -0.34 -13.69
C HIS A 172 7.56 -1.19 -14.71
N ASN A 173 7.83 -0.97 -16.03
CA ASN A 173 7.24 -1.62 -17.23
C ASN A 173 5.76 -1.95 -17.04
N THR A 174 4.96 -0.89 -16.89
CA THR A 174 3.64 -0.98 -16.29
C THR A 174 2.73 -1.82 -17.18
N TYR A 175 2.97 -1.79 -18.47
CA TYR A 175 2.23 -2.54 -19.47
C TYR A 175 2.35 -4.06 -19.31
N LEU A 176 3.36 -4.57 -18.57
CA LEU A 176 3.50 -6.02 -18.38
C LEU A 176 2.73 -6.45 -17.14
N VAL A 177 2.02 -7.56 -17.24
CA VAL A 177 1.25 -8.13 -16.15
C VAL A 177 1.85 -9.44 -15.65
N SER A 178 2.92 -9.92 -16.28
N SER A 178 2.93 -9.91 -16.29
CA SER A 178 3.58 -11.11 -15.75
CA SER A 178 3.58 -11.12 -15.80
C SER A 178 5.10 -10.95 -15.81
C SER A 178 5.10 -10.96 -15.79
N ASP A 179 5.79 -11.79 -16.60
CA ASP A 179 7.24 -11.78 -16.71
C ASP A 179 7.67 -10.69 -17.70
N GLN A 180 8.97 -10.65 -18.01
CA GLN A 180 9.49 -9.64 -18.93
C GLN A 180 9.75 -10.16 -20.35
N LEU A 181 9.68 -11.47 -20.59
CA LEU A 181 10.16 -12.01 -21.87
C LEU A 181 9.08 -12.66 -22.72
N ILE A 182 8.10 -13.39 -22.15
CA ILE A 182 7.14 -14.09 -23.00
C ILE A 182 5.68 -13.80 -22.66
N GLY A 183 5.39 -13.18 -21.52
CA GLY A 183 4.01 -12.92 -21.12
C GLY A 183 3.36 -11.72 -21.83
N PRO A 184 2.08 -11.46 -21.53
CA PRO A 184 1.36 -10.38 -22.19
C PRO A 184 1.71 -8.97 -21.72
N SER A 185 1.65 -8.04 -22.67
CA SER A 185 1.33 -6.65 -22.37
C SER A 185 -0.18 -6.51 -22.24
N ASP A 186 -0.65 -5.62 -21.37
CA ASP A 186 -2.09 -5.51 -21.14
C ASP A 186 -2.42 -4.18 -20.50
N LEU A 187 -3.56 -3.61 -20.91
CA LEU A 187 -4.02 -2.33 -20.39
C LEU A 187 -4.30 -2.39 -18.89
N ASN A 188 -4.61 -3.60 -18.42
CA ASN A 188 -4.82 -3.90 -17.01
C ASN A 188 -3.62 -3.55 -16.13
N GLY A 189 -2.40 -3.62 -16.66
CA GLY A 189 -1.24 -3.13 -15.92
C GLY A 189 -1.41 -1.68 -15.47
N TYR A 190 -1.89 -0.83 -16.41
CA TYR A 190 -2.14 0.58 -16.17
C TYR A 190 -3.34 0.80 -15.28
N ILE A 191 -4.42 0.04 -15.50
CA ILE A 191 -5.62 0.18 -14.69
C ILE A 191 -5.33 -0.17 -13.25
N SER A 192 -4.65 -1.28 -13.02
CA SER A 192 -4.39 -1.77 -11.68
C SER A 192 -3.48 -0.79 -10.91
N ALA A 193 -2.38 -0.38 -11.56
CA ALA A 193 -1.42 0.55 -10.95
C ALA A 193 -2.14 1.84 -10.57
N LEU A 194 -2.91 2.41 -11.49
CA LEU A 194 -3.60 3.67 -11.21
C LEU A 194 -4.61 3.55 -10.07
N LEU A 195 -5.35 2.43 -10.01
CA LEU A 195 -6.31 2.22 -8.93
C LEU A 195 -5.65 2.07 -7.56
N LYS A 196 -4.37 1.69 -7.50
CA LYS A 196 -3.63 1.66 -6.25
CA LYS A 196 -3.63 1.67 -6.24
C LYS A 196 -3.02 3.04 -5.95
N GLY A 197 -3.28 4.04 -6.78
CA GLY A 197 -2.75 5.38 -6.57
C GLY A 197 -1.34 5.60 -7.08
N CYS A 198 -0.81 4.64 -7.85
CA CYS A 198 0.47 4.85 -8.53
C CYS A 198 0.43 6.16 -9.34
N ARG A 199 1.52 6.94 -9.27
CA ARG A 199 1.59 8.25 -9.91
C ARG A 199 2.61 8.24 -11.06
N CYS A 200 3.58 7.33 -11.10
CA CYS A 200 4.57 7.36 -12.16
C CYS A 200 4.56 6.02 -12.90
N LEU A 201 4.07 6.04 -14.14
CA LEU A 201 3.81 4.87 -14.98
C LEU A 201 4.84 4.88 -16.11
N GLU A 202 5.30 3.69 -16.49
CA GLU A 202 6.25 3.52 -17.57
C GLU A 202 5.53 3.06 -18.84
N ILE A 203 5.89 3.68 -19.99
CA ILE A 203 5.41 3.27 -21.31
C ILE A 203 6.59 3.15 -22.27
N ASP A 204 6.86 1.90 -22.71
CA ASP A 204 7.92 1.63 -23.69
C ASP A 204 7.30 1.69 -25.08
N CYS A 205 7.78 2.66 -25.89
CA CYS A 205 7.21 2.99 -27.18
C CYS A 205 8.09 2.46 -28.31
N TRP A 206 7.50 1.68 -29.22
CA TRP A 206 8.14 1.06 -30.38
C TRP A 206 7.32 1.32 -31.64
N ASP A 207 7.97 1.29 -32.82
CA ASP A 207 7.27 1.49 -34.08
C ASP A 207 6.34 0.31 -34.36
N GLY A 208 5.10 0.62 -34.71
CA GLY A 208 4.17 -0.42 -35.12
C GLY A 208 4.03 -0.44 -36.64
N SER A 209 3.30 -1.43 -37.15
CA SER A 209 2.79 -1.40 -38.51
C SER A 209 1.72 -0.33 -38.61
N ASN A 210 1.48 0.09 -39.84
CA ASN A 210 0.48 1.10 -40.15
C ASN A 210 0.95 2.44 -39.65
N ASN A 211 2.26 2.55 -39.38
CA ASN A 211 2.87 3.79 -38.92
C ASN A 211 2.32 4.23 -37.56
N ASP A 212 1.77 3.29 -36.76
CA ASP A 212 1.11 3.63 -35.50
C ASP A 212 1.86 3.01 -34.31
N PRO A 213 2.27 3.81 -33.28
CA PRO A 213 3.14 3.28 -32.23
C PRO A 213 2.46 2.27 -31.32
N VAL A 214 3.27 1.29 -30.92
CA VAL A 214 2.83 0.20 -30.09
C VAL A 214 3.66 0.15 -28.81
N VAL A 215 3.22 -0.69 -27.87
CA VAL A 215 3.85 -0.79 -26.56
C VAL A 215 4.08 -2.26 -26.25
N TYR A 216 5.34 -2.62 -25.98
CA TYR A 216 5.72 -3.98 -25.62
CA TYR A 216 5.72 -3.97 -25.61
C TYR A 216 7.18 -3.91 -25.13
N HIS A 217 7.71 -5.03 -24.64
CA HIS A 217 9.09 -5.05 -24.21
C HIS A 217 9.97 -5.42 -25.40
N GLY A 218 10.75 -4.44 -25.86
CA GLY A 218 11.54 -4.57 -27.08
C GLY A 218 12.45 -5.78 -27.09
N HIS A 219 12.43 -6.46 -28.25
CA HIS A 219 13.32 -7.58 -28.52
C HIS A 219 12.91 -8.82 -27.72
N THR A 220 11.63 -8.92 -27.34
CA THR A 220 11.15 -10.07 -26.61
C THR A 220 9.99 -10.68 -27.38
N LEU A 221 9.36 -11.70 -26.78
CA LEU A 221 8.10 -12.26 -27.26
C LEU A 221 6.85 -11.74 -26.54
N THR A 222 6.94 -10.65 -25.77
CA THR A 222 5.75 -10.12 -25.09
C THR A 222 4.76 -9.64 -26.14
N SER A 223 3.48 -9.79 -25.89
CA SER A 223 2.46 -9.29 -26.80
C SER A 223 2.46 -7.75 -26.82
N LYS A 224 1.78 -7.17 -27.83
CA LYS A 224 1.73 -5.73 -28.10
C LYS A 224 0.38 -5.17 -27.73
N ILE A 225 0.35 -3.92 -27.27
CA ILE A 225 -0.87 -3.12 -27.23
C ILE A 225 -0.57 -1.80 -27.95
N THR A 226 -1.63 -1.09 -28.36
CA THR A 226 -1.42 0.17 -29.06
C THR A 226 -1.16 1.29 -28.05
N PHE A 227 -0.29 2.22 -28.44
CA PHE A 227 0.00 3.38 -27.62
C PHE A 227 -1.28 4.16 -27.33
N CYS A 228 -2.11 4.35 -28.38
CA CYS A 228 -3.37 5.06 -28.32
CA CYS A 228 -3.28 5.18 -28.19
C CYS A 228 -4.24 4.54 -27.18
N SER A 229 -4.34 3.20 -27.08
CA SER A 229 -5.20 2.58 -26.07
C SER A 229 -4.67 2.84 -24.65
N VAL A 230 -3.34 2.90 -24.49
CA VAL A 230 -2.75 3.18 -23.20
C VAL A 230 -3.16 4.59 -22.76
N ILE A 231 -3.13 5.57 -23.69
CA ILE A 231 -3.43 6.95 -23.36
C ILE A 231 -4.92 7.12 -23.03
N HIS A 232 -5.79 6.38 -23.72
CA HIS A 232 -7.22 6.37 -23.39
C HIS A 232 -7.42 5.88 -21.97
N VAL A 233 -6.70 4.82 -21.56
CA VAL A 233 -6.83 4.29 -20.22
C VAL A 233 -6.35 5.32 -19.19
N VAL A 234 -5.24 6.01 -19.49
CA VAL A 234 -4.71 7.01 -18.58
C VAL A 234 -5.70 8.17 -18.44
N ASP A 235 -6.33 8.54 -19.55
CA ASP A 235 -7.38 9.55 -19.54
C ASP A 235 -8.52 9.20 -18.58
N LYS A 236 -8.93 7.93 -18.52
CA LYS A 236 -10.06 7.52 -17.68
C LYS A 236 -9.64 7.33 -16.23
N TYR A 237 -8.40 6.89 -15.97
CA TYR A 237 -8.08 6.37 -14.66
C TYR A 237 -7.05 7.23 -13.92
N ALA A 238 -6.46 8.25 -14.56
CA ALA A 238 -5.36 8.99 -13.94
C ALA A 238 -5.71 9.50 -12.53
N PHE A 239 -6.94 10.00 -12.37
CA PHE A 239 -7.36 10.69 -11.17
C PHE A 239 -8.49 9.92 -10.48
N ALA A 240 -8.60 8.61 -10.78
CA ALA A 240 -9.62 7.77 -10.16
C ALA A 240 -9.38 7.66 -8.65
N ALA A 241 -8.12 7.43 -8.24
CA ALA A 241 -7.81 7.11 -6.86
C ALA A 241 -7.12 8.28 -6.16
N SER A 242 -6.63 9.26 -6.93
CA SER A 242 -5.87 10.36 -6.37
C SER A 242 -6.06 11.62 -7.23
N ASP A 243 -6.00 12.80 -6.60
CA ASP A 243 -6.09 14.05 -7.33
C ASP A 243 -4.75 14.50 -7.88
N TYR A 244 -3.66 13.87 -7.42
CA TYR A 244 -2.33 14.43 -7.50
C TYR A 244 -1.65 14.01 -8.80
N PRO A 245 -0.67 14.78 -9.30
CA PRO A 245 -0.22 14.63 -10.69
C PRO A 245 0.36 13.25 -11.03
N VAL A 246 0.09 12.81 -12.25
CA VAL A 246 0.67 11.61 -12.86
C VAL A 246 1.81 12.00 -13.80
N VAL A 247 2.90 11.22 -13.70
CA VAL A 247 4.04 11.32 -14.59
C VAL A 247 4.03 10.11 -15.53
N LEU A 248 4.05 10.36 -16.84
CA LEU A 248 4.26 9.27 -17.79
C LEU A 248 5.75 9.20 -18.15
N SER A 249 6.40 8.15 -17.65
CA SER A 249 7.79 7.86 -17.97
C SER A 249 7.85 7.14 -19.31
N LEU A 250 8.10 7.91 -20.40
CA LEU A 250 8.26 7.36 -21.74
C LEU A 250 9.69 6.86 -21.93
N GLU A 251 9.80 5.62 -22.39
CA GLU A 251 11.06 5.08 -22.84
C GLU A 251 10.90 4.91 -24.35
N ASN A 252 11.44 5.90 -25.07
CA ASN A 252 11.20 6.06 -26.50
C ASN A 252 12.19 5.24 -27.33
N HIS A 253 11.64 4.39 -28.24
CA HIS A 253 12.40 3.67 -29.24
C HIS A 253 11.78 3.85 -30.64
N CYS A 254 10.88 4.83 -30.77
CA CYS A 254 10.16 5.09 -32.00
C CYS A 254 11.01 5.94 -32.94
N SER A 255 10.77 5.76 -34.25
CA SER A 255 11.26 6.66 -35.30
C SER A 255 10.57 8.02 -35.12
N THR A 256 11.12 9.09 -35.73
CA THR A 256 10.61 10.43 -35.50
C THR A 256 9.17 10.56 -35.97
N LYS A 257 8.81 9.90 -37.08
CA LYS A 257 7.43 9.97 -37.56
C LYS A 257 6.44 9.40 -36.54
N GLN A 258 6.80 8.28 -35.91
CA GLN A 258 5.91 7.70 -34.90
C GLN A 258 5.97 8.49 -33.59
N GLN A 259 7.10 9.13 -33.28
CA GLN A 259 7.17 10.04 -32.14
C GLN A 259 6.19 11.20 -32.27
N GLU A 260 5.97 11.69 -33.50
CA GLU A 260 4.98 12.73 -33.71
C GLU A 260 3.60 12.20 -33.43
N ARG A 261 3.32 10.93 -33.77
CA ARG A 261 2.02 10.36 -33.44
C ARG A 261 1.83 10.27 -31.94
N ILE A 262 2.89 9.87 -31.22
CA ILE A 262 2.87 9.88 -29.76
C ILE A 262 2.38 11.24 -29.26
N ALA A 263 3.03 12.34 -29.70
CA ALA A 263 2.72 13.70 -29.28
C ALA A 263 1.26 14.05 -29.57
N GLN A 264 0.79 13.73 -30.77
CA GLN A 264 -0.58 14.02 -31.18
C GLN A 264 -1.59 13.30 -30.30
N TYR A 265 -1.34 12.01 -30.03
CA TYR A 265 -2.28 11.25 -29.22
C TYR A 265 -2.33 11.83 -27.81
N LEU A 266 -1.17 12.11 -27.24
CA LEU A 266 -1.10 12.72 -25.91
C LEU A 266 -1.92 14.00 -25.88
N LEU A 267 -1.69 14.89 -26.87
CA LEU A 267 -2.34 16.19 -26.89
C LEU A 267 -3.83 16.03 -27.07
N ASN A 268 -4.25 15.20 -28.02
CA ASN A 268 -5.65 15.11 -28.42
C ASN A 268 -6.48 14.31 -27.44
N ILE A 269 -5.92 13.27 -26.82
CA ILE A 269 -6.72 12.45 -25.90
C ILE A 269 -6.71 13.08 -24.52
N LEU A 270 -5.56 13.53 -24.02
CA LEU A 270 -5.52 14.05 -22.66
C LEU A 270 -6.01 15.49 -22.56
N GLY A 271 -5.95 16.30 -23.63
CA GLY A 271 -6.49 17.66 -23.58
C GLY A 271 -5.87 18.53 -22.47
N ASP A 272 -6.74 19.18 -21.68
CA ASP A 272 -6.36 20.11 -20.62
C ASP A 272 -5.67 19.41 -19.45
N LYS A 273 -5.79 18.08 -19.35
CA LYS A 273 -5.04 17.36 -18.33
C LYS A 273 -3.53 17.48 -18.55
N LEU A 274 -3.09 17.49 -19.82
CA LEU A 274 -1.68 17.45 -20.14
C LEU A 274 -1.02 18.78 -19.78
N LEU A 275 0.10 18.76 -19.08
CA LEU A 275 0.81 19.99 -18.82
C LEU A 275 1.74 20.30 -20.01
N THR A 276 1.52 21.44 -20.66
CA THR A 276 2.20 21.78 -21.90
C THR A 276 2.90 23.14 -21.82
N SER A 277 2.87 23.75 -20.64
CA SER A 277 3.65 24.96 -20.45
C SER A 277 3.92 25.21 -18.98
N PRO A 278 4.96 26.00 -18.67
CA PRO A 278 5.26 26.32 -17.28
C PRO A 278 4.05 27.01 -16.69
N ILE A 279 3.92 26.82 -15.38
CA ILE A 279 2.90 27.43 -14.55
C ILE A 279 3.23 28.89 -14.30
N GLY A 280 4.52 29.22 -14.17
CA GLY A 280 4.92 30.58 -13.82
C GLY A 280 5.80 31.21 -14.89
N ASP A 281 6.99 31.69 -14.48
CA ASP A 281 7.95 32.25 -15.40
C ASP A 281 8.60 31.11 -16.18
N ILE A 282 9.22 31.45 -17.31
CA ILE A 282 9.75 30.48 -18.25
C ILE A 282 11.18 30.08 -17.83
N GLU A 283 11.79 30.83 -16.91
CA GLU A 283 13.05 30.47 -16.29
C GLU A 283 12.79 29.83 -14.93
N VAL A 284 12.53 28.52 -14.99
CA VAL A 284 12.15 27.67 -13.87
C VAL A 284 13.35 27.45 -12.94
N THR A 285 13.24 27.85 -11.65
CA THR A 285 14.30 27.69 -10.65
C THR A 285 13.95 26.79 -9.47
N GLN A 286 12.67 26.39 -9.34
CA GLN A 286 12.33 25.25 -8.52
C GLN A 286 11.06 24.63 -9.09
N LEU A 287 10.84 23.34 -8.79
CA LEU A 287 9.67 22.66 -9.32
C LEU A 287 8.42 23.13 -8.60
N PRO A 288 7.25 23.17 -9.27
CA PRO A 288 5.98 23.38 -8.57
C PRO A 288 5.65 22.21 -7.65
N SER A 289 4.72 22.46 -6.75
CA SER A 289 4.23 21.49 -5.77
C SER A 289 3.24 20.52 -6.40
N PRO A 290 2.98 19.39 -5.74
CA PRO A 290 1.89 18.51 -6.17
C PRO A 290 0.54 19.22 -6.15
N GLU A 291 0.32 20.04 -5.13
CA GLU A 291 -0.92 20.81 -5.02
C GLU A 291 -1.11 21.71 -6.25
N ALA A 292 -0.06 22.40 -6.67
CA ALA A 292 -0.15 23.26 -7.85
C ALA A 292 -0.47 22.46 -9.11
N LEU A 293 -0.13 21.16 -9.14
CA LEU A 293 -0.29 20.37 -10.35
C LEU A 293 -1.39 19.32 -10.24
N LYS A 294 -2.38 19.52 -9.37
CA LYS A 294 -3.47 18.58 -9.26
C LYS A 294 -4.16 18.46 -10.61
N PHE A 295 -4.59 17.25 -10.92
CA PHE A 295 -5.29 16.91 -12.16
C PHE A 295 -4.46 17.20 -13.41
N LYS A 296 -3.13 17.24 -13.29
CA LYS A 296 -2.28 17.33 -14.46
C LYS A 296 -1.48 16.05 -14.68
N ILE A 297 -1.18 15.77 -15.96
CA ILE A 297 -0.28 14.71 -16.38
C ILE A 297 0.95 15.34 -17.02
N LEU A 298 2.14 14.92 -16.54
CA LEU A 298 3.42 15.42 -17.03
C LEU A 298 4.11 14.32 -17.83
N VAL A 299 4.81 14.73 -18.87
CA VAL A 299 5.55 13.80 -19.70
C VAL A 299 7.01 13.84 -19.28
N LYS A 300 7.52 12.68 -18.86
CA LYS A 300 8.94 12.48 -18.63
C LYS A 300 9.53 11.79 -19.85
N ASN A 301 10.49 12.50 -20.45
CA ASN A 301 11.20 12.02 -21.61
C ASN A 301 12.46 12.86 -21.77
N LYS A 302 13.37 12.34 -22.59
CA LYS A 302 14.45 13.12 -23.14
C LYS A 302 13.94 14.41 -23.77
N LYS A 303 14.78 15.45 -23.78
CA LYS A 303 14.42 16.74 -24.35
C LYS A 303 15.63 17.35 -25.08
N CYS A 304 15.40 17.85 -26.29
CA CYS A 304 16.39 18.64 -27.01
C CYS A 304 16.13 20.13 -26.79
N GLY A 305 17.09 20.83 -26.20
CA GLY A 305 17.02 22.28 -26.06
C GLY A 305 16.37 22.75 -24.76
N THR A 306 16.13 24.06 -24.72
CA THR A 306 15.65 24.78 -23.56
C THR A 306 14.13 24.87 -23.60
N ILE A 307 13.55 25.13 -22.42
CA ILE A 307 12.14 25.49 -22.27
C ILE A 307 11.83 26.77 -23.02
N GLU A 308 12.78 27.71 -23.02
CA GLU A 308 12.66 28.94 -23.81
C GLU A 308 12.42 28.65 -25.30
N GLU A 309 13.17 27.70 -25.88
CA GLU A 309 12.95 27.38 -27.29
C GLU A 309 11.56 26.81 -27.47
N THR A 310 11.14 25.97 -26.52
CA THR A 310 9.82 25.37 -26.59
C THR A 310 8.76 26.46 -26.69
N MET A 311 8.84 27.46 -25.80
CA MET A 311 7.85 28.54 -25.78
C MET A 311 7.85 29.29 -27.11
N LEU A 312 9.01 29.44 -27.77
CA LEU A 312 9.03 30.11 -29.07
C LEU A 312 8.44 29.19 -30.15
N ARG A 313 8.69 27.88 -30.09
CA ARG A 313 8.23 26.98 -31.15
C ARG A 313 6.70 26.83 -31.13
N LYS A 314 6.04 27.29 -30.06
CA LYS A 314 4.58 27.19 -29.95
C LYS A 314 3.87 28.16 -30.89
N GLY A 315 4.57 29.19 -31.38
CA GLY A 315 4.01 30.09 -32.37
C GLY A 315 3.88 29.46 -33.76
N ARG A 316 4.35 28.22 -33.97
CA ARG A 316 4.31 27.60 -35.29
C ARG A 316 4.11 26.09 -35.21
N ASP A 317 3.88 25.51 -36.40
CA ASP A 317 3.77 24.06 -36.53
C ASP A 317 5.18 23.54 -36.57
N SER A 318 5.44 22.51 -35.75
CA SER A 318 6.78 22.02 -35.49
C SER A 318 6.94 20.62 -36.08
N HIS A 319 5.89 20.15 -36.77
CA HIS A 319 5.94 18.91 -37.53
C HIS A 319 7.18 18.96 -38.41
N GLY A 320 7.95 17.86 -38.41
CA GLY A 320 9.15 17.69 -39.22
C GLY A 320 10.44 18.18 -38.55
N GLU A 321 10.34 18.94 -37.45
CA GLU A 321 11.52 19.38 -36.73
C GLU A 321 11.99 18.24 -35.83
N THR A 322 13.30 18.02 -35.80
CA THR A 322 13.87 16.97 -34.99
C THR A 322 15.08 17.50 -34.24
N GLY A 323 15.31 16.99 -33.04
CA GLY A 323 16.52 17.25 -32.29
C GLY A 323 17.35 15.98 -32.14
N GLU A 324 18.49 16.13 -31.47
CA GLU A 324 19.29 14.99 -31.02
C GLU A 324 19.40 15.04 -29.51
N VAL A 325 19.27 13.86 -28.87
CA VAL A 325 19.42 13.73 -27.43
C VAL A 325 20.55 12.72 -27.15
N SEP A 326 21.00 12.68 -25.88
CA SEP A 326 22.32 12.15 -25.56
CB SEP A 326 22.86 12.81 -24.30
OG SEP A 326 21.98 12.50 -23.20
C SEP A 326 22.38 10.62 -25.52
O SEP A 326 23.46 10.04 -25.45
P SEP A 326 21.08 13.69 -22.50
O1P SEP A 326 20.42 13.05 -21.32
O2P SEP A 326 21.97 14.84 -22.04
O3P SEP A 326 20.06 14.10 -23.60
N GLU A 327 21.22 9.93 -25.59
CA GLU A 327 21.20 8.49 -25.58
C GLU A 327 19.80 7.99 -25.94
N GLU A 328 19.73 6.71 -26.32
CA GLU A 328 18.50 5.93 -26.30
C GLU A 328 18.36 5.30 -24.90
N GLU A 329 17.24 5.54 -24.24
CA GLU A 329 17.07 5.06 -22.89
C GLU A 329 16.74 3.56 -22.89
N ILE A 330 17.56 2.76 -22.21
CA ILE A 330 17.35 1.32 -22.08
C ILE A 330 17.64 0.90 -20.63
N TPO A 331 16.95 -0.15 -20.17
CA TPO A 331 17.29 -0.80 -18.91
CB TPO A 331 16.36 -2.02 -18.70
CG2 TPO A 331 16.51 -2.70 -17.36
OG1 TPO A 331 14.98 -1.53 -18.86
P TPO A 331 13.84 -2.58 -19.34
O1P TPO A 331 14.40 -3.50 -20.40
O2P TPO A 331 13.54 -3.35 -18.03
O3P TPO A 331 12.68 -1.80 -19.89
C TPO A 331 18.78 -1.17 -18.92
O TPO A 331 19.24 -1.81 -19.86
N SER A 332 19.51 -0.77 -17.86
CA SER A 332 20.94 -1.06 -17.71
C SER A 332 21.15 -2.56 -17.44
N LYS A 370 23.73 8.79 -29.88
CA LYS A 370 22.79 9.94 -29.87
C LYS A 370 21.51 9.44 -30.57
N MET A 371 20.35 9.99 -30.18
CA MET A 371 19.11 9.56 -30.80
C MET A 371 18.32 10.79 -31.27
N LYS A 372 17.52 10.60 -32.31
CA LYS A 372 16.66 11.63 -32.85
C LYS A 372 15.38 11.72 -32.03
N ILE A 373 14.89 12.95 -31.84
CA ILE A 373 13.65 13.18 -31.14
C ILE A 373 12.80 14.14 -31.97
N ALA A 374 11.50 13.83 -32.15
CA ALA A 374 10.58 14.78 -32.75
C ALA A 374 10.37 15.96 -31.82
N MET A 375 10.48 17.19 -32.32
CA MET A 375 10.42 18.34 -31.42
C MET A 375 9.00 18.55 -30.90
N GLY A 376 8.01 18.05 -31.63
CA GLY A 376 6.64 18.01 -31.13
C GLY A 376 6.50 17.21 -29.82
N LEU A 377 7.34 16.15 -29.65
CA LEU A 377 7.38 15.35 -28.43
C LEU A 377 8.30 16.02 -27.41
N SER A 378 9.49 16.49 -27.87
CA SER A 378 10.43 17.21 -27.01
C SER A 378 9.70 18.35 -26.32
N ASP A 379 8.76 18.99 -27.02
CA ASP A 379 8.16 20.22 -26.55
C ASP A 379 7.11 19.97 -25.44
N LEU A 380 6.67 18.71 -25.25
CA LEU A 380 5.77 18.34 -24.17
C LEU A 380 6.49 18.17 -22.83
N VAL A 381 7.82 18.26 -22.80
CA VAL A 381 8.59 18.08 -21.59
C VAL A 381 8.88 19.46 -21.00
N ILE A 382 8.42 19.69 -19.76
CA ILE A 382 8.57 20.98 -19.10
C ILE A 382 9.33 20.84 -17.80
N TYR A 383 8.80 20.06 -16.84
CA TYR A 383 9.40 19.94 -15.52
C TYR A 383 10.13 18.60 -15.31
N THR A 384 10.13 17.72 -16.33
CA THR A 384 10.51 16.34 -16.10
C THR A 384 11.40 15.83 -17.23
N LYS A 385 12.48 16.57 -17.50
CA LYS A 385 13.44 16.17 -18.51
C LYS A 385 14.33 15.06 -18.00
N SER A 386 14.33 13.94 -18.74
CA SER A 386 15.17 12.81 -18.40
C SER A 386 16.60 13.09 -18.86
N GLU A 387 17.53 13.12 -17.91
CA GLU A 387 18.91 13.52 -18.18
C GLU A 387 19.86 12.39 -17.82
N LYS A 388 20.80 12.08 -18.72
CA LYS A 388 21.80 11.06 -18.48
C LYS A 388 22.55 11.34 -17.19
N PHE A 389 22.75 10.34 -16.35
CA PHE A 389 23.53 10.49 -15.13
C PHE A 389 25.01 10.23 -15.40
N VAL A 390 25.89 11.14 -14.95
CA VAL A 390 27.33 10.99 -15.11
C VAL A 390 27.99 10.75 -13.76
N SER A 391 27.82 11.70 -12.85
CA SER A 391 28.28 11.56 -11.49
C SER A 391 27.54 12.57 -10.63
N PHE A 392 27.61 12.38 -9.32
CA PHE A 392 27.02 13.30 -8.36
C PHE A 392 27.64 14.70 -8.50
N GLU A 393 28.95 14.76 -8.77
CA GLU A 393 29.67 16.03 -8.89
C GLU A 393 29.22 16.74 -10.17
N HIS A 394 29.08 15.96 -11.24
CA HIS A 394 28.65 16.56 -12.49
C HIS A 394 27.25 17.14 -12.32
N SER A 395 26.34 16.37 -11.69
CA SER A 395 24.99 16.88 -11.47
C SER A 395 24.99 18.15 -10.61
N LEU A 396 25.74 18.18 -9.51
CA LEU A 396 25.80 19.40 -8.69
C LEU A 396 26.22 20.62 -9.50
N ALA A 397 27.22 20.46 -10.36
CA ALA A 397 27.77 21.55 -11.13
C ALA A 397 26.82 22.02 -12.22
N HIS A 398 26.12 21.10 -12.92
CA HIS A 398 25.47 21.44 -14.19
C HIS A 398 23.97 21.17 -14.30
N GLN A 399 23.37 20.29 -13.48
CA GLN A 399 22.01 19.82 -13.76
C GLN A 399 21.01 20.84 -13.24
N LYS A 400 19.88 20.99 -13.94
CA LYS A 400 18.81 21.89 -13.52
C LYS A 400 17.77 21.17 -12.67
N CYS A 401 16.92 21.94 -11.99
CA CYS A 401 15.91 21.40 -11.09
C CYS A 401 14.84 20.62 -11.86
N TYR A 402 14.71 20.87 -13.17
CA TYR A 402 13.71 20.21 -14.00
C TYR A 402 14.30 19.03 -14.78
N GLU A 403 15.53 18.64 -14.40
CA GLU A 403 16.20 17.45 -14.90
C GLU A 403 16.21 16.34 -13.86
N ASN A 404 15.74 15.15 -14.27
CA ASN A 404 15.75 13.98 -13.42
C ASN A 404 16.75 12.96 -13.98
N ASN A 405 17.09 11.96 -13.17
CA ASN A 405 18.01 10.91 -13.53
C ASN A 405 17.33 9.58 -13.23
N SER A 406 17.66 8.57 -14.04
CA SER A 406 17.20 7.21 -13.87
C SER A 406 18.44 6.35 -13.65
N ILE A 407 18.52 5.61 -12.54
CA ILE A 407 19.68 4.81 -12.22
C ILE A 407 19.25 3.37 -11.95
N GLY A 408 19.90 2.42 -12.60
CA GLY A 408 19.60 1.01 -12.37
C GLY A 408 19.97 0.54 -10.96
N GLU A 409 19.22 -0.45 -10.51
CA GLU A 409 19.40 -1.11 -9.23
C GLU A 409 20.87 -1.29 -8.86
N LEU A 410 21.68 -1.91 -9.73
CA LEU A 410 23.02 -2.30 -9.32
C LEU A 410 23.89 -1.09 -9.05
N LYS A 411 23.86 -0.12 -9.94
CA LYS A 411 24.62 1.10 -9.75
C LYS A 411 24.12 1.81 -8.50
N ALA A 412 22.80 1.90 -8.30
CA ALA A 412 22.27 2.62 -7.14
C ALA A 412 22.68 1.96 -5.83
N GLN A 413 22.76 0.63 -5.77
CA GLN A 413 23.20 -0.08 -4.58
C GLN A 413 24.66 0.22 -4.23
N LYS A 414 25.51 0.36 -5.25
CA LYS A 414 26.90 0.75 -5.07
C LYS A 414 26.94 2.14 -4.45
N PHE A 415 26.15 3.09 -4.96
CA PHE A 415 26.10 4.42 -4.40
C PHE A 415 25.55 4.44 -2.98
N VAL A 416 24.50 3.66 -2.69
CA VAL A 416 24.03 3.59 -1.32
C VAL A 416 25.12 3.06 -0.40
N LYS A 417 25.85 2.03 -0.81
CA LYS A 417 26.85 1.44 0.06
C LYS A 417 28.02 2.40 0.31
N HIS A 418 28.51 3.07 -0.74
CA HIS A 418 29.79 3.75 -0.69
C HIS A 418 29.67 5.26 -0.73
N ALA A 419 28.48 5.82 -1.01
CA ALA A 419 28.37 7.26 -1.19
C ALA A 419 27.00 7.80 -0.73
N ALA A 420 26.50 7.33 0.42
CA ALA A 420 25.11 7.50 0.79
C ALA A 420 24.75 8.97 1.00
N ASN A 421 25.68 9.74 1.59
CA ASN A 421 25.42 11.16 1.85
C ASN A 421 25.48 11.95 0.54
N GLN A 422 26.37 11.61 -0.39
CA GLN A 422 26.32 12.27 -1.68
C GLN A 422 24.99 12.01 -2.43
N PHE A 423 24.48 10.77 -2.26
CA PHE A 423 23.18 10.34 -2.79
C PHE A 423 22.05 11.21 -2.22
N VAL A 424 22.08 11.48 -0.91
CA VAL A 424 21.11 12.34 -0.22
C VAL A 424 21.18 13.75 -0.80
N SER A 425 22.39 14.26 -0.98
CA SER A 425 22.59 15.57 -1.59
CA SER A 425 22.62 15.55 -1.61
C SER A 425 21.98 15.62 -2.99
N HIS A 426 22.15 14.54 -3.75
CA HIS A 426 21.57 14.45 -5.09
C HIS A 426 20.03 14.47 -5.07
N THR A 427 19.43 13.54 -4.28
CA THR A 427 17.99 13.39 -4.28
C THR A 427 17.27 14.58 -3.64
N SER A 428 17.96 15.32 -2.76
CA SER A 428 17.35 16.51 -2.23
C SER A 428 17.16 17.56 -3.32
N ARG A 429 17.95 17.52 -4.38
CA ARG A 429 17.90 18.51 -5.45
C ARG A 429 17.16 18.01 -6.70
N PHE A 430 17.27 16.71 -7.02
CA PHE A 430 16.82 16.22 -8.33
C PHE A 430 15.91 15.02 -8.14
N ILE A 431 14.83 14.97 -8.91
CA ILE A 431 14.03 13.75 -8.99
C ILE A 431 14.88 12.62 -9.57
N THR A 432 14.91 11.51 -8.82
CA THR A 432 15.71 10.34 -9.12
C THR A 432 14.81 9.09 -9.12
N ARG A 433 14.96 8.31 -10.18
CA ARG A 433 14.19 7.11 -10.43
C ARG A 433 15.14 5.92 -10.44
N ILE A 434 14.81 4.90 -9.63
CA ILE A 434 15.52 3.64 -9.58
C ILE A 434 14.64 2.60 -10.26
N TYR A 435 15.26 1.68 -11.02
CA TYR A 435 14.48 0.62 -11.65
C TYR A 435 15.22 -0.70 -11.46
N PRO A 436 14.49 -1.81 -11.53
CA PRO A 436 15.07 -3.14 -11.36
C PRO A 436 16.08 -3.50 -12.44
N LYS A 437 17.12 -4.23 -12.02
CA LYS A 437 18.17 -4.65 -12.95
C LYS A 437 17.56 -5.57 -14.01
N GLY A 438 18.18 -5.55 -15.20
CA GLY A 438 17.69 -6.20 -16.41
C GLY A 438 17.64 -7.72 -16.33
N THR A 439 18.39 -8.32 -15.41
CA THR A 439 18.34 -9.78 -15.28
C THR A 439 17.11 -10.27 -14.50
N ARG A 440 16.28 -9.38 -13.94
CA ARG A 440 15.06 -9.78 -13.27
C ARG A 440 13.97 -9.99 -14.31
N ALA A 441 14.17 -11.00 -15.17
CA ALA A 441 13.31 -11.23 -16.32
C ALA A 441 12.00 -11.90 -15.93
N GLY A 442 11.90 -12.43 -14.71
CA GLY A 442 10.65 -12.90 -14.13
C GLY A 442 9.87 -11.82 -13.35
N SER A 443 10.36 -10.57 -13.36
CA SER A 443 9.71 -9.41 -12.76
C SER A 443 9.85 -9.42 -11.23
N SER A 444 10.88 -10.09 -10.69
CA SER A 444 11.16 -9.98 -9.26
C SER A 444 11.52 -8.54 -8.93
N ASN A 445 11.55 -8.20 -7.65
CA ASN A 445 11.77 -6.83 -7.22
C ASN A 445 12.93 -6.78 -6.25
N TYR A 446 13.66 -5.66 -6.26
CA TYR A 446 14.62 -5.39 -5.20
C TYR A 446 13.89 -4.88 -3.96
N ASN A 447 14.63 -4.70 -2.87
CA ASN A 447 14.11 -4.09 -1.67
C ASN A 447 14.07 -2.57 -1.80
N PRO A 448 12.88 -1.93 -1.89
CA PRO A 448 12.82 -0.49 -2.13
C PRO A 448 13.31 0.41 -0.98
N GLN A 449 13.30 -0.12 0.26
CA GLN A 449 13.64 0.66 1.44
C GLN A 449 15.09 1.15 1.39
N GLU A 450 15.95 0.38 0.74
CA GLU A 450 17.33 0.78 0.49
C GLU A 450 17.43 2.17 -0.16
N PHE A 451 16.55 2.45 -1.13
CA PHE A 451 16.57 3.69 -1.89
C PHE A 451 15.74 4.78 -1.22
N TRP A 452 14.60 4.44 -0.60
CA TRP A 452 13.91 5.43 0.20
C TRP A 452 14.82 6.00 1.30
N ASN A 453 15.73 5.17 1.87
CA ASN A 453 16.66 5.60 2.92
C ASN A 453 17.56 6.76 2.51
N VAL A 454 17.79 6.96 1.21
CA VAL A 454 18.59 8.09 0.73
C VAL A 454 17.73 9.09 -0.05
N GLY A 455 16.40 9.06 0.09
CA GLY A 455 15.56 10.09 -0.50
C GLY A 455 15.19 9.91 -1.98
N CYS A 456 15.44 8.72 -2.57
CA CYS A 456 14.99 8.48 -3.94
C CYS A 456 13.46 8.58 -4.02
N GLN A 457 13.01 9.43 -4.96
CA GLN A 457 11.61 9.78 -5.06
C GLN A 457 10.81 8.72 -5.82
N MET A 458 11.38 8.20 -6.90
CA MET A 458 10.65 7.28 -7.77
C MET A 458 11.30 5.90 -7.76
N VAL A 459 10.99 5.10 -6.73
CA VAL A 459 11.55 3.78 -6.62
C VAL A 459 10.58 2.82 -7.34
N ALA A 460 10.88 2.53 -8.60
CA ALA A 460 9.96 1.85 -9.50
C ALA A 460 10.05 0.35 -9.28
N LEU A 461 8.85 -0.26 -9.09
CA LEU A 461 8.71 -1.69 -8.87
C LEU A 461 7.79 -2.32 -9.91
N ASN A 462 7.96 -3.63 -10.13
CA ASN A 462 7.04 -4.48 -10.84
C ASN A 462 5.82 -4.72 -9.93
N PHE A 463 4.78 -3.93 -10.16
CA PHE A 463 3.58 -3.93 -9.33
C PHE A 463 2.88 -5.28 -9.39
N GLN A 464 3.09 -6.03 -10.47
CA GLN A 464 2.36 -7.28 -10.65
C GLN A 464 2.87 -8.41 -9.74
N THR A 465 4.07 -8.29 -9.14
CA THR A 465 4.77 -9.41 -8.57
C THR A 465 4.58 -9.50 -7.05
N SER A 466 4.07 -10.66 -6.58
CA SER A 466 3.90 -10.99 -5.17
C SER A 466 5.24 -11.09 -4.47
N GLY A 467 5.32 -10.57 -3.25
CA GLY A 467 6.58 -10.64 -2.51
C GLY A 467 6.68 -9.48 -1.56
N THR A 468 7.74 -9.52 -0.74
CA THR A 468 7.87 -8.56 0.34
C THR A 468 8.10 -7.17 -0.22
N PRO A 469 8.87 -6.97 -1.32
CA PRO A 469 9.03 -5.62 -1.87
C PRO A 469 7.70 -4.89 -2.12
N MET A 470 6.74 -5.56 -2.76
CA MET A 470 5.45 -4.93 -3.03
C MET A 470 4.58 -4.79 -1.77
N GLU A 471 4.79 -5.64 -0.78
CA GLU A 471 4.12 -5.47 0.50
C GLU A 471 4.58 -4.19 1.21
N LEU A 472 5.89 -3.91 1.13
CA LEU A 472 6.47 -2.68 1.67
C LEU A 472 5.97 -1.48 0.90
N GLN A 473 5.93 -1.58 -0.45
CA GLN A 473 5.39 -0.52 -1.29
C GLN A 473 3.92 -0.21 -0.95
N ASN A 474 3.08 -1.25 -0.86
CA ASN A 474 1.66 -1.02 -0.65
C ASN A 474 1.43 -0.48 0.75
N GLY A 475 2.19 -0.96 1.71
CA GLY A 475 2.08 -0.47 3.07
C GLY A 475 2.49 0.99 3.17
N LYS A 476 3.61 1.33 2.52
CA LYS A 476 4.14 2.67 2.61
C LYS A 476 3.12 3.64 2.05
N PHE A 477 2.59 3.34 0.86
CA PHE A 477 1.75 4.30 0.16
C PHE A 477 0.27 4.22 0.54
N LEU A 478 -0.07 3.50 1.61
CA LEU A 478 -1.30 3.71 2.35
C LEU A 478 -1.35 5.09 2.97
N ASP A 479 -0.19 5.60 3.37
CA ASP A 479 -0.13 6.86 4.08
C ASP A 479 -0.60 8.00 3.17
N ASN A 480 -0.91 9.11 3.86
CA ASN A 480 -1.31 10.35 3.22
C ASN A 480 -2.48 10.10 2.28
N GLY A 481 -3.43 9.28 2.75
CA GLY A 481 -4.69 9.11 2.05
C GLY A 481 -4.59 8.30 0.77
N GLY A 482 -3.48 7.53 0.63
CA GLY A 482 -3.31 6.73 -0.57
C GLY A 482 -3.10 7.58 -1.83
N CYS A 483 -2.75 8.85 -1.70
CA CYS A 483 -2.67 9.72 -2.87
C CYS A 483 -1.40 9.51 -3.72
N GLY A 484 -0.44 8.71 -3.22
CA GLY A 484 0.73 8.37 -4.01
C GLY A 484 1.90 9.36 -3.91
N TYR A 485 1.74 10.44 -3.12
CA TYR A 485 2.80 11.33 -2.71
C TYR A 485 2.94 11.35 -1.20
N ILE A 486 4.16 11.13 -0.71
CA ILE A 486 4.46 11.24 0.71
CA ILE A 486 4.48 11.21 0.71
C ILE A 486 5.58 12.25 0.88
N LEU A 487 5.37 13.25 1.75
CA LEU A 487 6.42 14.22 2.06
C LEU A 487 7.60 13.57 2.76
N LYS A 488 8.80 13.80 2.20
CA LYS A 488 10.01 13.20 2.73
C LYS A 488 10.35 13.85 4.06
N PRO A 489 11.01 13.15 4.99
CA PRO A 489 11.50 13.79 6.22
C PRO A 489 12.34 15.04 5.96
N GLU A 490 12.39 15.95 6.95
CA GLU A 490 13.11 17.22 6.79
C GLU A 490 14.59 17.00 6.47
N PHE A 491 15.19 15.97 7.08
CA PHE A 491 16.62 15.71 6.94
C PHE A 491 16.95 15.11 5.56
N LEU A 492 15.95 14.75 4.73
CA LEU A 492 16.21 14.41 3.33
C LEU A 492 15.87 15.55 2.37
N ARG A 493 15.22 16.61 2.86
CA ARG A 493 14.88 17.73 1.99
C ARG A 493 15.91 18.88 2.11
N ASN A 494 16.57 19.03 3.25
CA ASN A 494 17.62 20.05 3.36
C ASN A 494 18.77 19.73 2.39
N ARG A 495 19.06 20.67 1.48
CA ARG A 495 20.03 20.47 0.43
C ARG A 495 21.46 20.33 0.97
N ASN A 496 21.69 20.73 2.21
CA ASN A 496 23.00 20.59 2.82
C ASN A 496 22.93 19.62 3.99
N SER A 497 21.95 18.71 4.00
CA SER A 497 21.90 17.68 5.03
C SER A 497 23.19 16.86 5.02
N THR A 498 23.66 16.48 6.19
CA THR A 498 24.73 15.50 6.35
C THR A 498 24.17 14.12 6.74
N PHE A 499 22.85 13.92 6.62
CA PHE A 499 22.28 12.61 6.91
C PHE A 499 22.98 11.51 6.11
N ASN A 500 23.31 10.47 6.87
CA ASN A 500 23.80 9.22 6.34
C ASN A 500 23.01 8.08 6.97
N PRO A 501 22.28 7.23 6.20
CA PRO A 501 21.51 6.13 6.79
C PRO A 501 22.37 5.07 7.47
N HIS A 502 23.66 5.00 7.10
CA HIS A 502 24.58 4.01 7.67
C HIS A 502 25.07 4.43 9.06
N ASN A 503 24.87 5.70 9.44
CA ASN A 503 25.36 6.22 10.70
C ASN A 503 24.55 7.45 11.05
N VAL A 504 23.43 7.26 11.74
CA VAL A 504 22.43 8.32 11.78
CA VAL A 504 22.38 8.27 11.90
C VAL A 504 22.88 9.46 12.71
N GLY A 505 23.65 9.14 13.78
CA GLY A 505 24.24 10.14 14.66
C GLY A 505 23.20 11.13 15.21
N ARG A 506 23.37 12.40 14.88
CA ARG A 506 22.60 13.44 15.55
C ARG A 506 21.23 13.60 14.89
N TYR A 507 20.95 12.86 13.80
CA TYR A 507 19.65 12.93 13.19
C TYR A 507 18.68 11.98 13.88
N SER A 508 19.11 11.25 14.93
CA SER A 508 18.23 10.29 15.55
C SER A 508 17.14 11.00 16.35
N ASN A 509 15.99 10.35 16.40
CA ASN A 509 14.78 10.82 17.04
C ASN A 509 14.13 9.59 17.69
N PRO A 510 14.76 9.00 18.73
CA PRO A 510 14.40 7.63 19.11
C PRO A 510 12.94 7.46 19.53
N LEU A 511 12.37 6.33 19.10
CA LEU A 511 10.99 6.01 19.43
C LEU A 511 11.01 4.65 20.12
N SER A 512 10.30 4.56 21.26
CA SER A 512 10.17 3.29 21.96
C SER A 512 8.78 2.73 21.71
N LEU A 513 8.73 1.44 21.40
CA LEU A 513 7.51 0.80 20.93
C LEU A 513 7.32 -0.50 21.69
N SER A 514 6.13 -0.70 22.24
CA SER A 514 5.74 -1.94 22.87
C SER A 514 4.43 -2.43 22.24
N ILE A 515 4.45 -3.67 21.77
CA ILE A 515 3.28 -4.29 21.18
C ILE A 515 3.02 -5.60 21.89
N ARG A 516 1.80 -5.68 22.42
CA ARG A 516 1.28 -6.90 23.00
C ARG A 516 0.49 -7.64 21.91
N LEU A 517 0.98 -8.82 21.58
CA LEU A 517 0.28 -9.73 20.69
C LEU A 517 -0.62 -10.59 21.56
N ILE A 518 -1.92 -10.41 21.40
CA ILE A 518 -2.89 -11.03 22.27
C ILE A 518 -3.36 -12.33 21.64
N SER A 519 -3.93 -12.24 20.45
CA SER A 519 -4.59 -13.36 19.80
C SER A 519 -4.60 -13.24 18.27
N GLY A 520 -4.96 -14.34 17.63
CA GLY A 520 -5.35 -14.33 16.23
C GLY A 520 -6.76 -14.91 16.08
N HIS A 521 -7.40 -14.66 14.94
CA HIS A 521 -8.78 -15.05 14.75
C HIS A 521 -8.99 -15.51 13.30
N GLN A 522 -9.49 -16.73 13.17
CA GLN A 522 -9.85 -17.35 11.89
C GLN A 522 -8.71 -17.19 10.88
N LEU A 523 -7.50 -17.54 11.32
CA LEU A 523 -6.36 -17.59 10.43
C LEU A 523 -6.59 -18.66 9.38
N PRO A 524 -6.10 -18.49 8.12
CA PRO A 524 -6.26 -19.49 7.06
C PRO A 524 -5.63 -20.79 7.55
N PRO A 525 -6.33 -21.94 7.45
CA PRO A 525 -5.69 -23.21 7.76
C PRO A 525 -4.50 -23.50 6.84
N SER A 526 -3.59 -24.36 7.33
CA SER A 526 -2.51 -24.89 6.50
C SER A 526 -3.07 -25.56 5.27
N ASN A 527 -2.37 -25.45 4.15
CA ASN A 527 -2.71 -26.17 2.92
C ASN A 527 -2.64 -27.69 3.11
N LEU A 528 -1.92 -28.16 4.14
CA LEU A 528 -1.81 -29.58 4.44
C LEU A 528 -2.84 -30.06 5.45
N SER A 529 -3.57 -29.16 6.15
CA SER A 529 -4.51 -29.63 7.16
C SER A 529 -5.74 -30.24 6.47
N LYS A 530 -6.20 -31.39 6.94
CA LYS A 530 -7.41 -31.96 6.35
C LYS A 530 -8.66 -31.27 6.89
N SER A 531 -8.52 -30.42 7.92
CA SER A 531 -9.63 -29.78 8.59
C SER A 531 -9.40 -28.27 8.65
N ASN A 532 -8.97 -27.73 9.81
CA ASN A 532 -8.92 -26.28 9.99
C ASN A 532 -7.73 -25.86 10.86
N LYS A 533 -6.63 -26.63 10.80
CA LYS A 533 -5.50 -26.43 11.69
C LYS A 533 -4.35 -25.70 11.01
N ALA A 534 -3.60 -24.96 11.83
CA ALA A 534 -2.24 -24.55 11.51
C ALA A 534 -1.46 -24.54 12.81
N ASP A 535 -0.13 -24.40 12.72
CA ASP A 535 0.73 -24.16 13.87
C ASP A 535 1.27 -22.74 13.75
N PRO A 536 0.47 -21.68 14.04
CA PRO A 536 0.85 -20.30 13.75
C PRO A 536 1.89 -19.71 14.71
N LEU A 537 2.67 -18.84 14.09
CA LEU A 537 3.55 -17.93 14.80
C LEU A 537 3.52 -16.60 14.07
N VAL A 538 3.89 -15.54 14.79
CA VAL A 538 3.85 -14.19 14.20
C VAL A 538 5.27 -13.65 14.22
N GLN A 539 5.74 -13.15 13.09
CA GLN A 539 7.00 -12.45 13.05
C GLN A 539 6.77 -10.94 12.85
N LEU A 540 7.34 -10.11 13.75
CA LEU A 540 7.23 -8.66 13.66
C LEU A 540 8.54 -8.16 13.11
N GLU A 541 8.47 -7.33 12.07
CA GLU A 541 9.66 -6.86 11.40
C GLU A 541 9.63 -5.34 11.29
N ILE A 542 10.81 -4.75 11.50
CA ILE A 542 11.06 -3.35 11.23
C ILE A 542 12.01 -3.25 10.03
N TYR A 543 11.54 -2.54 9.01
CA TYR A 543 12.36 -2.12 7.88
C TYR A 543 12.59 -0.62 8.00
N GLY A 544 13.82 -0.21 7.69
CA GLY A 544 14.21 1.19 7.84
C GLY A 544 15.69 1.35 7.61
N VAL A 545 16.34 2.27 8.36
CA VAL A 545 17.79 2.46 8.25
C VAL A 545 18.41 1.22 8.83
N PRO A 546 19.63 0.80 8.39
CA PRO A 546 20.19 -0.47 8.86
C PRO A 546 20.20 -0.67 10.36
N GLU A 547 20.53 0.34 11.17
CA GLU A 547 20.63 0.11 12.60
C GLU A 547 19.25 -0.12 13.24
N ASP A 548 18.15 0.18 12.55
CA ASP A 548 16.81 0.01 13.10
C ASP A 548 16.15 -1.32 12.72
N GLN A 549 16.75 -2.06 11.77
CA GLN A 549 16.09 -3.24 11.23
C GLN A 549 16.09 -4.31 12.31
N ALA A 550 14.98 -5.01 12.40
CA ALA A 550 14.76 -5.93 13.51
C ALA A 550 13.73 -6.97 13.10
N LYS A 551 13.82 -8.14 13.74
CA LYS A 551 12.96 -9.29 13.50
C LYS A 551 12.66 -9.79 14.92
N ARG A 552 11.40 -10.08 15.23
CA ARG A 552 11.07 -10.83 16.44
C ARG A 552 10.02 -11.87 16.10
N LYS A 553 10.05 -13.03 16.78
CA LYS A 553 9.06 -14.07 16.57
C LYS A 553 8.34 -14.37 17.88
N SER A 554 7.05 -14.65 17.77
CA SER A 554 6.28 -15.23 18.87
C SER A 554 6.59 -16.72 18.99
N SER A 555 6.10 -17.34 20.08
N SER A 555 6.08 -17.32 20.08
CA SER A 555 6.08 -18.78 20.12
CA SER A 555 5.97 -18.77 20.19
C SER A 555 5.08 -19.31 19.10
C SER A 555 5.08 -19.29 19.07
N VAL A 556 5.23 -20.59 18.79
CA VAL A 556 4.35 -21.33 17.91
C VAL A 556 3.22 -21.90 18.75
N ILE A 557 1.98 -21.74 18.30
CA ILE A 557 0.83 -22.38 18.91
CA ILE A 557 0.86 -22.40 18.94
C ILE A 557 0.54 -23.65 18.14
N LYS A 558 0.31 -24.78 18.84
CA LYS A 558 0.07 -26.02 18.15
C LYS A 558 -1.40 -26.13 17.80
N SER A 559 -1.63 -26.36 16.52
CA SER A 559 -2.88 -26.89 16.03
C SER A 559 -4.08 -26.02 16.40
N ASN A 560 -3.98 -24.70 16.15
CA ASN A 560 -5.08 -23.77 16.42
C ASN A 560 -4.93 -22.55 15.53
N ALA A 561 -5.64 -22.55 14.40
CA ALA A 561 -5.76 -21.39 13.52
C ALA A 561 -6.97 -20.52 13.89
N LEU A 562 -7.94 -21.09 14.60
CA LEU A 562 -9.22 -20.43 14.77
C LEU A 562 -9.12 -19.34 15.85
N SER A 563 -8.44 -19.66 16.96
CA SER A 563 -8.40 -18.78 18.11
C SER A 563 -7.10 -18.88 18.89
N PRO A 564 -5.92 -18.87 18.24
CA PRO A 564 -4.66 -18.88 18.96
C PRO A 564 -4.52 -17.65 19.87
N ARG A 565 -4.02 -17.90 21.09
CA ARG A 565 -3.80 -16.88 22.10
C ARG A 565 -2.33 -16.90 22.57
N TRP A 566 -1.57 -15.82 22.30
CA TRP A 566 -0.17 -15.73 22.68
C TRP A 566 0.01 -14.94 23.99
N ASP A 567 -0.56 -13.73 24.06
CA ASP A 567 -0.26 -12.80 25.13
C ASP A 567 1.24 -12.57 25.30
N GLU A 568 1.91 -12.16 24.23
CA GLU A 568 3.37 -11.99 24.29
C GLU A 568 3.70 -10.56 23.91
N THR A 569 4.73 -10.00 24.56
CA THR A 569 5.08 -8.58 24.43
C THR A 569 6.39 -8.43 23.69
N PHE A 570 6.39 -7.53 22.68
CA PHE A 570 7.55 -7.22 21.85
C PHE A 570 7.89 -5.75 22.02
N SER A 571 9.20 -5.47 22.06
CA SER A 571 9.72 -4.16 22.41
C SER A 571 10.75 -3.79 21.38
N PHE A 572 10.73 -2.53 20.92
CA PHE A 572 11.72 -2.09 19.98
C PHE A 572 12.12 -0.66 20.29
N THR A 573 13.32 -0.30 19.83
CA THR A 573 13.75 1.09 19.75
C THR A 573 14.09 1.35 18.29
N VAL A 574 13.61 2.48 17.79
CA VAL A 574 13.83 2.86 16.41
C VAL A 574 14.39 4.28 16.41
N GLN A 575 15.57 4.47 15.82
CA GLN A 575 16.27 5.75 15.81
C GLN A 575 15.70 6.69 14.76
N VAL A 576 15.19 6.14 13.66
CA VAL A 576 14.72 6.98 12.56
C VAL A 576 13.30 6.52 12.20
N PRO A 577 12.31 6.85 13.04
CA PRO A 577 10.92 6.40 12.85
C PRO A 577 10.23 6.91 11.59
N GLU A 578 10.67 8.03 11.03
CA GLU A 578 10.02 8.57 9.84
C GLU A 578 10.26 7.72 8.60
N LEU A 579 11.33 6.91 8.60
CA LEU A 579 11.61 6.04 7.47
C LEU A 579 11.19 4.58 7.74
N ALA A 580 10.70 4.26 8.94
CA ALA A 580 10.48 2.88 9.30
C ALA A 580 9.10 2.37 8.87
N LEU A 581 9.06 1.11 8.46
CA LEU A 581 7.84 0.37 8.13
C LEU A 581 7.78 -0.80 9.09
N ILE A 582 6.61 -1.17 9.58
CA ILE A 582 6.49 -2.34 10.42
C ILE A 582 5.58 -3.33 9.70
N ARG A 583 6.00 -4.61 9.70
CA ARG A 583 5.33 -5.70 9.02
C ARG A 583 5.03 -6.78 10.04
N PHE A 584 3.77 -7.23 10.01
CA PHE A 584 3.32 -8.40 10.74
C PHE A 584 3.22 -9.55 9.73
N CYS A 585 3.99 -10.60 9.95
CA CYS A 585 4.04 -11.75 9.07
C CYS A 585 3.59 -12.99 9.86
N VAL A 586 2.43 -13.54 9.49
CA VAL A 586 1.89 -14.72 10.17
C VAL A 586 2.29 -15.98 9.40
N GLN A 587 2.93 -16.92 10.09
CA GLN A 587 3.44 -18.10 9.41
C GLN A 587 2.90 -19.37 10.07
N ASP A 588 2.99 -20.48 9.35
CA ASP A 588 2.61 -21.81 9.79
C ASP A 588 3.89 -22.64 9.87
N GLU A 589 4.21 -23.14 11.05
CA GLU A 589 5.40 -23.97 11.20
C GLU A 589 5.10 -25.38 10.64
N ILE A 590 5.69 -25.70 9.50
CA ILE A 590 5.39 -26.92 8.75
C ILE A 590 6.23 -28.06 9.28
N SER A 591 7.52 -27.81 9.52
CA SER A 591 8.48 -28.86 9.82
C SER A 591 9.66 -28.18 10.49
N LEU A 592 10.67 -28.95 10.85
CA LEU A 592 11.85 -28.42 11.50
C LEU A 592 12.57 -27.46 10.56
N VAL A 593 12.35 -27.57 9.25
CA VAL A 593 13.13 -26.76 8.32
C VAL A 593 12.25 -25.82 7.50
N ALA A 594 10.93 -25.74 7.72
CA ALA A 594 10.07 -25.01 6.80
C ALA A 594 8.90 -24.36 7.55
N ASN A 595 8.67 -23.09 7.23
CA ASN A 595 7.45 -22.38 7.58
C ASN A 595 6.74 -21.98 6.30
N ASP A 596 5.42 -21.99 6.30
CA ASP A 596 4.61 -21.45 5.22
C ASP A 596 4.02 -20.10 5.60
N PHE A 597 3.71 -19.28 4.59
CA PHE A 597 3.11 -17.97 4.75
C PHE A 597 1.60 -18.13 4.91
N LEU A 598 1.01 -17.50 5.96
CA LEU A 598 -0.45 -17.49 6.09
C LEU A 598 -1.03 -16.11 5.75
N GLY A 599 -0.38 -15.04 6.20
CA GLY A 599 -0.84 -13.70 5.84
C GLY A 599 0.03 -12.63 6.46
N GLN A 600 -0.17 -11.37 6.00
CA GLN A 600 0.68 -10.28 6.44
C GLN A 600 -0.05 -8.96 6.32
N TYR A 601 0.53 -7.95 7.00
CA TYR A 601 0.14 -6.56 6.91
C TYR A 601 1.36 -5.70 7.22
N THR A 602 1.55 -4.63 6.45
CA THR A 602 2.64 -3.69 6.59
C THR A 602 2.07 -2.27 6.61
N LEU A 603 2.63 -1.39 7.45
CA LEU A 603 2.30 0.02 7.39
C LEU A 603 3.47 0.84 7.94
N PRO A 604 3.46 2.17 7.73
CA PRO A 604 4.46 3.05 8.36
C PRO A 604 4.38 3.00 9.88
N LEU A 605 5.54 3.02 10.54
CA LEU A 605 5.60 2.94 11.99
C LEU A 605 4.78 4.05 12.64
N LEU A 606 4.84 5.28 12.08
CA LEU A 606 4.14 6.41 12.68
C LEU A 606 2.65 6.45 12.30
N SER A 607 2.16 5.49 11.52
CA SER A 607 0.74 5.33 11.27
C SER A 607 0.06 4.30 12.21
N LEU A 608 0.81 3.71 13.15
CA LEU A 608 0.25 2.78 14.15
C LEU A 608 -0.79 3.48 15.05
N SER A 609 -1.99 2.92 15.13
CA SER A 609 -2.94 3.31 16.17
C SER A 609 -2.41 2.95 17.54
N LYS A 610 -3.02 3.49 18.63
CA LYS A 610 -2.61 3.20 19.99
C LYS A 610 -3.71 2.46 20.76
N GLY A 611 -3.31 1.61 21.69
CA GLY A 611 -4.25 0.82 22.48
C GLY A 611 -4.69 -0.43 21.72
N TYR A 612 -5.90 -0.91 22.04
CA TYR A 612 -6.39 -2.14 21.46
C TYR A 612 -6.79 -1.90 20.00
N CYS A 613 -6.33 -2.77 19.08
CA CYS A 613 -6.69 -2.64 17.69
C CYS A 613 -6.42 -3.95 16.96
N THR A 614 -6.95 -4.07 15.75
CA THR A 614 -6.83 -5.31 15.01
C THR A 614 -5.92 -5.10 13.80
N VAL A 615 -5.18 -6.17 13.48
CA VAL A 615 -4.30 -6.19 12.32
C VAL A 615 -5.01 -7.02 11.27
N PRO A 616 -5.53 -6.39 10.19
CA PRO A 616 -6.16 -7.14 9.11
C PRO A 616 -5.04 -7.87 8.37
N LEU A 617 -5.35 -9.02 7.80
CA LEU A 617 -4.33 -9.76 7.07
C LEU A 617 -4.66 -9.95 5.58
N PHE A 618 -3.56 -9.92 4.80
CA PHE A 618 -3.50 -10.07 3.36
C PHE A 618 -2.71 -11.32 2.96
N SER A 619 -3.21 -11.99 1.90
CA SER A 619 -2.56 -13.14 1.28
C SER A 619 -1.38 -12.69 0.43
N LYS A 620 -0.59 -13.68 -0.05
CA LYS A 620 0.58 -13.44 -0.88
C LYS A 620 0.19 -12.72 -2.18
N SER A 621 -1.01 -13.00 -2.67
N SER A 621 -1.02 -12.99 -2.67
CA SER A 621 -1.54 -12.36 -3.87
CA SER A 621 -1.52 -12.35 -3.87
C SER A 621 -1.94 -10.91 -3.60
C SER A 621 -2.11 -10.96 -3.59
N GLY A 622 -2.04 -10.50 -2.34
CA GLY A 622 -2.47 -9.16 -1.99
C GLY A 622 -3.98 -9.07 -1.75
N GLY A 623 -4.67 -10.22 -1.79
CA GLY A 623 -6.08 -10.30 -1.44
C GLY A 623 -6.32 -10.21 0.07
N LYS A 624 -7.40 -9.53 0.46
CA LYS A 624 -7.88 -9.48 1.83
C LYS A 624 -8.21 -10.89 2.34
N LEU A 625 -7.70 -11.30 3.50
CA LEU A 625 -7.99 -12.63 4.02
C LEU A 625 -9.13 -12.57 5.02
N GLU A 626 -9.81 -11.43 5.10
CA GLU A 626 -10.89 -11.20 6.04
C GLU A 626 -11.76 -12.44 6.10
N PRO A 627 -12.05 -13.06 7.26
CA PRO A 627 -11.83 -12.46 8.57
C PRO A 627 -10.51 -12.67 9.31
N ALA A 628 -9.47 -13.17 8.66
CA ALA A 628 -8.21 -13.43 9.35
C ALA A 628 -7.69 -12.12 9.95
N SER A 629 -7.37 -12.12 11.25
CA SER A 629 -6.88 -10.91 11.90
C SER A 629 -5.99 -11.26 13.09
N LEU A 630 -5.16 -10.30 13.52
CA LEU A 630 -4.54 -10.35 14.84
C LEU A 630 -5.17 -9.27 15.72
N PHE A 631 -5.12 -9.48 17.03
CA PHE A 631 -5.59 -8.54 18.00
C PHE A 631 -4.40 -8.15 18.87
N VAL A 632 -4.11 -6.86 18.92
CA VAL A 632 -2.90 -6.43 19.62
C VAL A 632 -3.25 -5.23 20.51
N TYR A 633 -2.30 -4.87 21.40
CA TYR A 633 -2.34 -3.61 22.10
C TYR A 633 -1.01 -2.91 21.82
N VAL A 634 -1.09 -1.69 21.29
CA VAL A 634 0.06 -0.92 20.83
C VAL A 634 0.27 0.32 21.73
N TRP A 635 1.52 0.57 22.12
CA TRP A 635 1.91 1.83 22.75
C TRP A 635 3.30 2.22 22.32
N TYR A 636 3.54 3.51 22.14
CA TYR A 636 4.85 4.01 21.80
C TYR A 636 4.94 5.51 22.11
N TYR A 637 6.17 6.00 22.27
CA TYR A 637 6.41 7.42 22.45
C TYR A 637 7.74 7.81 21.80
N ALA A 638 7.84 9.10 21.46
CA ALA A 638 9.06 9.61 20.89
C ALA A 638 9.83 10.42 21.93
N GLU A 639 11.13 10.20 22.02
CA GLU A 639 11.98 10.87 22.98
C GLU A 639 11.95 12.39 22.78
N ASN A 640 11.65 12.83 21.57
CA ASN A 640 11.65 14.24 21.23
C ASN A 640 10.48 15.01 21.87
N LEU A 641 9.50 14.35 22.50
CA LEU A 641 8.44 15.11 23.14
C LEU A 641 8.96 15.71 24.43
N TYR A 642 10.10 15.21 24.96
CA TYR A 642 10.41 15.37 26.38
C TYR A 642 11.73 16.14 26.54
N PHE A 643 11.64 17.27 27.25
CA PHE A 643 12.74 18.16 27.59
C PHE A 643 14.05 17.39 27.73
C1 PEG B . 12.72 -18.90 -25.82
O1 PEG B . 11.81 -19.01 -26.89
C2 PEG B . 12.46 -17.68 -25.03
O2 PEG B . 12.57 -16.52 -25.85
C3 PEG B . 12.39 -15.32 -25.11
C4 PEG B . 13.42 -14.34 -25.51
O4 PEG B . 13.01 -13.62 -26.63
C1 PEG C . 17.22 -8.05 16.52
O1 PEG C . 16.21 -8.15 15.51
C2 PEG C . 17.98 -6.75 16.50
O2 PEG C . 17.40 -5.81 17.41
C3 PEG C . 18.25 -4.69 17.66
C4 PEG C . 18.63 -3.97 16.37
O4 PEG C . 18.07 -2.67 16.28
C1 PEG D . -20.37 -31.53 6.22
O1 PEG D . -20.06 -31.00 4.96
C2 PEG D . -20.55 -33.00 6.18
O2 PEG D . -20.07 -33.57 7.40
C3 PEG D . -20.20 -34.99 7.46
C4 PEG D . -18.86 -35.64 7.32
O4 PEG D . -18.23 -35.83 8.57
N1 EPE E . 9.95 -12.38 22.87
C2 EPE E . 8.53 -12.56 23.18
C3 EPE E . 8.04 -13.87 22.63
N4 EPE E . 8.81 -15.02 23.14
C5 EPE E . 10.25 -14.80 22.90
C6 EPE E . 10.72 -13.48 23.48
C7 EPE E . 8.37 -16.26 22.49
C8 EPE E . 9.08 -17.52 22.97
O8 EPE E . 9.87 -18.08 21.93
C9 EPE E . 10.47 -11.06 23.30
C10 EPE E . 10.34 -10.02 22.21
S EPE E . 11.39 -8.61 22.48
O1S EPE E . 10.82 -7.53 21.75
O2S EPE E . 12.72 -9.08 22.16
O3S EPE E . 11.23 -8.30 23.99
CA CA F . 11.12 -0.06 -20.02
NA NA G . -4.97 -5.01 -23.27
CL CL H . 13.24 -12.42 -11.76
CL CL I . 9.89 -10.10 -5.41
UNK UNX J . -4.91 6.58 17.93
UNK UNX K . -5.04 -31.36 10.32
UNK UNX L . -2.83 -3.24 28.36
UNK UNX M . 12.78 1.69 -16.73
UNK UNX N . 0.29 -28.47 9.00
#